data_6UP7
#
_entry.id   6UP7
#
_cell.length_a   1.00
_cell.length_b   1.00
_cell.length_c   1.00
_cell.angle_alpha   90.00
_cell.angle_beta   90.00
_cell.angle_gamma   90.00
#
_symmetry.space_group_name_H-M   'P 1'
#
loop_
_entity.id
_entity.type
_entity.pdbx_description
1 polymer ARG-ARG-PRO-TYR-ILE-LEU
2 polymer Beta-arrestin-1
3 polymer 'Neurotensin receptor type 1'
4 polymer 'unidentified peptide'
5 non-polymer '[(2R)-2-octanoyloxy-3-[oxidanyl-[(1R,2R,3S,4R,5R,6S)-2,3,6-tris(oxidanyl)-4,5-diphosphonooxy-cyclohexyl]oxy-phosphoryl]oxy-propyl] octanoate'
#
loop_
_entity_poly.entity_id
_entity_poly.type
_entity_poly.pdbx_seq_one_letter_code
_entity_poly.pdbx_strand_id
1 'polypeptide(L)' RRPYIL C
2 'polypeptide(L)'
;VFKKASPNGKLTVYLGKRDFVDHIDLVDPVDGVVLVDPEYLKERRVYVTLTVAFRYGREDLDVLGLTFRKDLFVANVQSF
PPAPEDKKPLTRLQERLIKKLGEHAYPFTFEIPPNLPSSVTLQPGPEDTGKALGVDYEVKAFVAENLEEKIHKRNSVRLV
IRKVQYAPERPGPQPTAETTRQFLMSDKPLHLEASLDKEIYYHGEPISVNVHVTNNTNKTVKKIKISVRQYADIVLFNTA
QYKVPVAMEEADDTVAPSSTFSKVYTLTPFLANNREKRGLALDGKLKHEDTNLASSTLLREGANREILGIIVSYKVKVKL
VVSRGGLLGDLASSDVAVELPFTLMHPK
;
B
3 'polypeptide(L)'
;PSSELDVNTDIYSKVLVTAVYLALFVVGTVGNTVTAFTLARKKSLQSLQSTVHYHLGSLALSDLLTLLLAMPVELYNFIW
VHHPWAFGDAGCRGYYFLRDACTYATALNVASLSVERYLAICHPFKAKTLMSRSRTKKFISAIWLASALLAVPMLFTMGE
QNRSADGQHAGGLVCTPTIHTATVKVVIQVNTFMSFIFPMVVISVLNTIIANKLTVMVRQAAEQGQVCTVGGEHSTFSMA
IEPGRVQALRHGVRVLRAVVIAFVVCWLPYHVRRLMFCYISDEQWTPFLYDFYHYFYMVTNALFYVSSTINPILYNLVSA
NFRHIFLATLACLC
;
R
4 'polypeptide(L)' (UNK)(UNK)(UNK)(UNK)(UNK)(UNK)(UNK)(UNK)(UNK) V
#
loop_
_chem_comp.id
_chem_comp.type
_chem_comp.name
_chem_comp.formula
PIO non-polymer '[(2R)-2-octanoyloxy-3-[oxidanyl-[(1R,2R,3S,4R,5R,6S)-2,3,6-tris(oxidanyl)-4,5-diphosphonooxy-cyclohexyl]oxy-phosphoryl]oxy-propyl] octanoate' 'C25 H49 O19 P3'
#
# COMPACT_ATOMS: atom_id res chain seq x y z
N ARG A 1 -18.58 22.66 44.18
CA ARG A 1 -17.42 23.34 43.61
C ARG A 1 -17.07 22.75 42.24
N ARG A 2 -16.97 23.62 41.24
CA ARG A 2 -16.64 23.18 39.89
C ARG A 2 -15.37 22.35 39.85
N PRO A 3 -15.43 21.18 39.22
CA PRO A 3 -14.30 20.26 39.10
C PRO A 3 -13.08 20.94 38.50
N TYR A 4 -12.01 21.06 39.27
CA TYR A 4 -10.79 21.69 38.81
C TYR A 4 -10.15 20.93 37.65
N ILE A 5 -10.16 19.61 37.72
CA ILE A 5 -9.58 18.78 36.66
C ILE A 5 -10.31 18.94 35.35
N LEU A 6 -9.59 18.78 34.24
CA LEU A 6 -10.18 18.92 32.92
C LEU A 6 -9.43 18.09 31.91
N VAL B 1 3.63 -27.70 -32.41
CA VAL B 1 2.31 -28.26 -32.63
C VAL B 1 1.82 -28.95 -31.36
N PHE B 2 0.85 -28.33 -30.71
CA PHE B 2 0.30 -28.78 -29.44
C PHE B 2 -0.99 -29.56 -29.68
N LYS B 3 -1.68 -29.86 -28.58
CA LYS B 3 -3.01 -30.47 -28.62
C LYS B 3 -3.71 -30.18 -27.32
N LYS B 4 -4.80 -29.43 -27.36
CA LYS B 4 -5.58 -29.11 -26.17
C LYS B 4 -7.04 -29.09 -26.58
N ALA B 5 -7.75 -30.16 -26.26
CA ALA B 5 -9.11 -30.35 -26.74
C ALA B 5 -10.13 -29.89 -25.69
N SER B 6 -11.38 -29.76 -26.14
CA SER B 6 -12.47 -29.39 -25.25
C SER B 6 -12.79 -30.57 -24.34
N PRO B 7 -12.76 -30.39 -23.02
CA PRO B 7 -12.93 -31.55 -22.13
C PRO B 7 -14.34 -32.10 -22.01
N ASN B 8 -15.28 -31.67 -22.85
CA ASN B 8 -16.45 -32.48 -23.14
C ASN B 8 -16.27 -33.29 -24.40
N GLY B 9 -15.05 -33.36 -24.92
CA GLY B 9 -14.78 -34.10 -26.14
C GLY B 9 -15.27 -33.43 -27.40
N LYS B 10 -15.40 -32.11 -27.41
CA LYS B 10 -16.05 -31.44 -28.52
C LYS B 10 -15.05 -30.95 -29.58
N LEU B 11 -14.14 -30.04 -29.20
CA LEU B 11 -13.30 -29.34 -30.15
C LEU B 11 -11.85 -29.42 -29.73
N THR B 12 -10.99 -29.82 -30.65
CA THR B 12 -9.55 -29.92 -30.39
C THR B 12 -8.89 -28.63 -30.83
N VAL B 13 -8.69 -27.71 -29.89
CA VAL B 13 -7.88 -26.53 -30.18
C VAL B 13 -6.42 -26.96 -30.32
N TYR B 14 -5.70 -26.30 -31.21
CA TYR B 14 -4.33 -26.69 -31.49
C TYR B 14 -3.58 -25.46 -32.01
N LEU B 15 -2.78 -24.84 -31.14
CA LEU B 15 -1.92 -23.73 -31.49
C LEU B 15 -0.51 -24.25 -31.80
N GLY B 16 0.28 -23.40 -32.44
CA GLY B 16 1.60 -23.79 -32.87
C GLY B 16 2.66 -23.67 -31.80
N LYS B 17 2.81 -22.47 -31.25
CA LYS B 17 3.74 -22.23 -30.17
C LYS B 17 2.97 -21.64 -28.98
N ARG B 18 3.70 -21.26 -27.96
CA ARG B 18 3.14 -20.50 -26.86
C ARG B 18 3.78 -19.14 -26.74
N ASP B 19 5.10 -19.08 -26.75
CA ASP B 19 5.78 -17.81 -26.86
C ASP B 19 5.72 -17.33 -28.30
N PHE B 20 5.59 -16.02 -28.47
CA PHE B 20 5.57 -15.44 -29.80
C PHE B 20 6.35 -14.14 -29.77
N VAL B 21 7.17 -13.92 -30.80
CA VAL B 21 8.15 -12.85 -30.81
C VAL B 21 7.48 -11.49 -30.94
N ASP B 22 8.25 -10.45 -30.66
CA ASP B 22 7.86 -9.09 -31.01
C ASP B 22 8.78 -8.63 -32.14
N HIS B 23 8.22 -8.51 -33.34
CA HIS B 23 8.98 -8.07 -34.50
C HIS B 23 9.13 -6.54 -34.47
N ILE B 24 9.48 -5.96 -35.61
CA ILE B 24 9.78 -4.53 -35.66
C ILE B 24 8.52 -3.70 -35.41
N ASP B 25 7.55 -3.77 -36.33
CA ASP B 25 6.31 -3.04 -36.16
C ASP B 25 5.25 -3.92 -35.50
N LEU B 26 4.87 -5.01 -36.15
CA LEU B 26 3.97 -5.98 -35.55
C LEU B 26 4.76 -6.86 -34.60
N VAL B 27 4.08 -7.82 -33.97
CA VAL B 27 4.80 -8.73 -33.09
C VAL B 27 4.92 -10.10 -33.74
N ASP B 28 3.78 -10.78 -33.90
CA ASP B 28 3.71 -12.12 -34.47
C ASP B 28 2.25 -12.44 -34.71
N PRO B 29 1.90 -13.06 -35.84
CA PRO B 29 0.51 -13.44 -36.06
C PRO B 29 0.18 -14.75 -35.38
N VAL B 30 -0.95 -14.79 -34.71
CA VAL B 30 -1.40 -16.04 -34.11
C VAL B 30 -2.05 -16.88 -35.19
N ASP B 31 -2.05 -18.19 -35.00
CA ASP B 31 -2.54 -19.12 -36.02
C ASP B 31 -3.29 -20.23 -35.30
N GLY B 32 -3.54 -21.32 -36.01
CA GLY B 32 -4.05 -22.51 -35.36
C GLY B 32 -5.37 -23.02 -35.90
N VAL B 33 -5.36 -24.26 -36.39
CA VAL B 33 -6.57 -24.91 -36.86
C VAL B 33 -7.32 -25.46 -35.66
N VAL B 34 -8.57 -25.86 -35.86
CA VAL B 34 -9.40 -26.38 -34.79
C VAL B 34 -10.24 -27.50 -35.37
N LEU B 35 -9.93 -28.75 -35.01
CA LEU B 35 -10.76 -29.88 -35.36
C LEU B 35 -11.78 -30.11 -34.26
N VAL B 36 -13.03 -30.33 -34.66
CA VAL B 36 -14.13 -30.32 -33.71
C VAL B 36 -14.93 -31.60 -33.83
N ASP B 37 -16.04 -31.67 -33.11
CA ASP B 37 -17.03 -32.69 -33.34
C ASP B 37 -18.04 -32.14 -34.33
N PRO B 38 -17.99 -32.51 -35.61
CA PRO B 38 -18.77 -31.80 -36.64
C PRO B 38 -20.25 -32.12 -36.64
N GLU B 39 -20.77 -32.85 -35.66
CA GLU B 39 -22.20 -33.09 -35.57
C GLU B 39 -22.72 -32.77 -34.17
N TYR B 40 -21.85 -32.91 -33.17
CA TYR B 40 -22.25 -32.75 -31.78
C TYR B 40 -22.41 -31.29 -31.37
N LEU B 41 -22.01 -30.35 -32.22
CA LEU B 41 -22.15 -28.92 -31.94
C LEU B 41 -23.18 -28.29 -32.87
N LYS B 42 -24.25 -29.03 -33.18
CA LYS B 42 -25.27 -28.54 -34.09
C LYS B 42 -26.04 -27.38 -33.46
N GLU B 43 -26.40 -26.42 -34.31
CA GLU B 43 -27.02 -25.14 -33.93
C GLU B 43 -26.18 -24.40 -32.89
N ARG B 44 -24.86 -24.49 -33.02
CA ARG B 44 -23.95 -23.76 -32.14
C ARG B 44 -22.70 -23.46 -32.96
N ARG B 45 -22.67 -22.28 -33.57
CA ARG B 45 -21.57 -21.94 -34.47
C ARG B 45 -20.29 -21.67 -33.67
N VAL B 46 -19.16 -22.05 -34.24
CA VAL B 46 -17.90 -21.98 -33.52
C VAL B 46 -17.35 -20.57 -33.61
N TYR B 47 -17.77 -19.72 -32.68
CA TYR B 47 -17.26 -18.35 -32.62
C TYR B 47 -16.09 -18.35 -31.64
N VAL B 48 -14.92 -18.74 -32.14
CA VAL B 48 -13.71 -18.75 -31.34
C VAL B 48 -13.24 -17.31 -31.15
N THR B 49 -12.35 -17.08 -30.18
CA THR B 49 -12.05 -15.70 -29.81
C THR B 49 -10.71 -15.63 -29.12
N LEU B 50 -9.89 -14.65 -29.51
CA LEU B 50 -8.77 -14.27 -28.67
C LEU B 50 -9.27 -13.39 -27.54
N THR B 51 -8.37 -13.12 -26.60
CA THR B 51 -8.70 -12.25 -25.48
C THR B 51 -7.42 -11.67 -24.93
N VAL B 52 -7.40 -10.37 -24.72
CA VAL B 52 -6.25 -9.73 -24.09
C VAL B 52 -6.70 -9.25 -22.73
N ALA B 53 -6.49 -10.06 -21.72
CA ALA B 53 -6.90 -9.66 -20.39
C ALA B 53 -5.93 -8.66 -19.81
N PHE B 54 -6.44 -7.82 -18.93
CA PHE B 54 -5.61 -6.99 -18.08
C PHE B 54 -6.23 -6.96 -16.71
N ARG B 55 -5.44 -7.20 -15.68
CA ARG B 55 -5.93 -7.10 -14.32
C ARG B 55 -4.98 -6.17 -13.58
N TYR B 56 -5.21 -6.04 -12.28
CA TYR B 56 -4.36 -5.24 -11.43
C TYR B 56 -4.61 -5.65 -9.99
N GLY B 57 -3.66 -5.35 -9.11
CA GLY B 57 -3.87 -5.67 -7.70
C GLY B 57 -4.39 -4.52 -6.88
N ARG B 58 -3.65 -3.40 -6.89
CA ARG B 58 -3.86 -2.25 -5.99
C ARG B 58 -3.89 -2.71 -4.54
N GLU B 59 -2.70 -3.09 -4.07
CA GLU B 59 -2.57 -3.90 -2.85
C GLU B 59 -2.95 -3.12 -1.59
N ASP B 60 -3.13 -1.82 -1.69
CA ASP B 60 -3.74 -1.07 -0.58
C ASP B 60 -5.26 -1.26 -0.59
N LEU B 61 -5.86 -1.22 -1.78
CA LEU B 61 -7.31 -1.33 -1.89
C LEU B 61 -7.77 -2.77 -1.86
N ASP B 62 -6.85 -3.71 -2.02
CA ASP B 62 -7.17 -5.12 -2.19
C ASP B 62 -7.79 -5.74 -0.94
N VAL B 63 -7.64 -5.07 0.20
CA VAL B 63 -8.32 -5.48 1.42
C VAL B 63 -9.81 -5.23 1.40
N LEU B 64 -10.32 -4.51 0.40
CA LEU B 64 -11.76 -4.31 0.28
C LEU B 64 -12.35 -5.17 -0.81
N GLY B 65 -11.83 -5.06 -2.02
CA GLY B 65 -12.28 -5.92 -3.11
C GLY B 65 -11.10 -6.36 -3.94
N LEU B 66 -11.16 -6.11 -5.24
CA LEU B 66 -10.01 -6.23 -6.12
C LEU B 66 -9.88 -4.94 -6.89
N THR B 67 -8.99 -4.96 -7.87
CA THR B 67 -8.77 -3.77 -8.68
C THR B 67 -9.49 -3.90 -10.00
N PHE B 68 -9.51 -2.79 -10.73
CA PHE B 68 -10.28 -2.70 -11.95
C PHE B 68 -9.59 -3.46 -13.07
N ARG B 69 -10.18 -4.58 -13.46
CA ARG B 69 -9.71 -5.32 -14.62
C ARG B 69 -10.40 -4.76 -15.85
N LYS B 70 -9.73 -4.80 -16.98
CA LYS B 70 -10.33 -4.39 -18.23
C LYS B 70 -9.76 -5.18 -19.37
N ASP B 71 -10.59 -5.47 -20.36
CA ASP B 71 -10.07 -6.06 -21.59
C ASP B 71 -9.37 -4.98 -22.38
N LEU B 72 -8.64 -5.41 -23.39
CA LEU B 72 -7.93 -4.49 -24.27
C LEU B 72 -8.21 -4.74 -25.73
N PHE B 73 -8.33 -6.01 -26.10
CA PHE B 73 -8.33 -6.39 -27.51
C PHE B 73 -9.02 -7.75 -27.56
N VAL B 74 -10.28 -7.76 -27.93
CA VAL B 74 -11.10 -8.97 -27.85
C VAL B 74 -11.63 -9.22 -29.26
N ALA B 75 -10.90 -10.01 -30.04
CA ALA B 75 -11.35 -10.35 -31.38
C ALA B 75 -12.15 -11.65 -31.33
N ASN B 76 -12.89 -11.91 -32.41
CA ASN B 76 -13.76 -13.07 -32.50
C ASN B 76 -13.59 -13.75 -33.84
N VAL B 77 -13.85 -15.04 -33.87
CA VAL B 77 -13.76 -15.79 -35.12
C VAL B 77 -14.87 -16.83 -35.21
N GLN B 78 -15.92 -16.52 -35.99
CA GLN B 78 -16.96 -17.49 -36.27
C GLN B 78 -16.40 -18.53 -37.21
N SER B 79 -15.79 -19.56 -36.64
CA SER B 79 -14.81 -20.35 -37.38
C SER B 79 -15.46 -21.29 -38.38
N PHE B 80 -16.53 -21.98 -37.99
CA PHE B 80 -17.10 -22.98 -38.89
C PHE B 80 -17.89 -22.37 -40.05
N PRO B 81 -18.82 -21.43 -39.86
CA PRO B 81 -19.47 -20.84 -41.03
C PRO B 81 -18.69 -19.63 -41.53
N PRO B 82 -17.37 -19.76 -41.71
CA PRO B 82 -16.58 -18.60 -42.20
C PRO B 82 -16.41 -18.61 -43.72
N ALA B 83 -17.52 -18.54 -44.43
CA ALA B 83 -17.48 -18.61 -45.89
C ALA B 83 -16.96 -17.32 -46.51
N PRO B 84 -17.67 -16.19 -46.32
CA PRO B 84 -17.31 -14.95 -47.03
C PRO B 84 -15.98 -14.34 -46.63
N GLU B 85 -15.82 -14.02 -45.35
CA GLU B 85 -14.63 -13.30 -44.87
C GLU B 85 -13.49 -14.30 -44.75
N ASP B 86 -12.78 -14.50 -45.86
CA ASP B 86 -11.70 -15.47 -45.92
C ASP B 86 -10.36 -14.80 -45.62
N LYS B 87 -9.61 -15.36 -44.67
CA LYS B 87 -8.25 -14.95 -44.39
C LYS B 87 -7.34 -15.68 -45.35
N LYS B 88 -6.98 -15.01 -46.44
CA LYS B 88 -6.26 -15.53 -47.62
C LYS B 88 -5.05 -16.44 -47.39
N PRO B 89 -4.11 -16.20 -46.47
CA PRO B 89 -2.97 -17.11 -46.37
C PRO B 89 -3.33 -18.42 -45.68
N LEU B 90 -2.34 -19.30 -45.64
CA LEU B 90 -2.46 -20.60 -44.97
C LEU B 90 -1.11 -20.92 -44.34
N THR B 91 -1.12 -21.19 -43.04
CA THR B 91 0.09 -21.55 -42.36
C THR B 91 0.55 -22.94 -42.76
N ARG B 92 1.86 -23.17 -42.70
CA ARG B 92 2.37 -24.51 -42.89
C ARG B 92 1.92 -25.42 -41.76
N LEU B 93 1.77 -24.86 -40.56
CA LEU B 93 1.10 -25.57 -39.48
C LEU B 93 -0.34 -25.88 -39.85
N GLN B 94 -1.03 -24.90 -40.44
CA GLN B 94 -2.39 -25.11 -40.90
C GLN B 94 -2.45 -26.09 -42.05
N GLU B 95 -1.43 -26.08 -42.93
CA GLU B 95 -1.40 -26.99 -44.06
C GLU B 95 -1.21 -28.43 -43.61
N ARG B 96 -0.22 -28.67 -42.74
CA ARG B 96 0.04 -30.01 -42.25
C ARG B 96 -1.07 -30.49 -41.33
N LEU B 97 -1.72 -29.59 -40.60
CA LEU B 97 -2.86 -30.00 -39.79
C LEU B 97 -4.07 -30.30 -40.64
N ILE B 98 -4.22 -29.61 -41.78
CA ILE B 98 -5.32 -29.91 -42.69
C ILE B 98 -5.08 -31.24 -43.38
N LYS B 99 -3.81 -31.59 -43.62
CA LYS B 99 -3.52 -32.95 -44.06
C LYS B 99 -3.79 -33.95 -42.95
N LYS B 100 -3.56 -33.55 -41.69
CA LYS B 100 -3.72 -34.45 -40.54
C LYS B 100 -5.11 -34.36 -39.93
N LEU B 101 -6.09 -33.82 -40.66
CA LEU B 101 -7.47 -33.74 -40.18
C LEU B 101 -8.39 -33.66 -41.40
N GLY B 102 -9.66 -33.37 -41.15
CA GLY B 102 -10.65 -33.37 -42.22
C GLY B 102 -11.65 -32.23 -42.19
N GLU B 103 -12.94 -32.57 -42.30
CA GLU B 103 -13.98 -31.56 -42.46
C GLU B 103 -14.20 -30.76 -41.19
N HIS B 104 -14.00 -31.38 -40.04
CA HIS B 104 -14.17 -30.71 -38.76
C HIS B 104 -13.05 -29.73 -38.45
N ALA B 105 -11.97 -29.73 -39.23
CA ALA B 105 -10.83 -28.85 -39.00
C ALA B 105 -11.16 -27.46 -39.53
N TYR B 106 -11.78 -26.68 -38.71
CA TYR B 106 -11.91 -25.29 -39.08
C TYR B 106 -10.66 -24.54 -38.64
N PRO B 107 -10.05 -23.74 -39.50
CA PRO B 107 -8.81 -23.04 -39.14
C PRO B 107 -9.08 -21.70 -38.48
N PHE B 108 -8.01 -21.12 -37.93
CA PHE B 108 -8.06 -19.79 -37.33
C PHE B 108 -6.67 -19.17 -37.39
N THR B 109 -6.65 -17.85 -37.52
CA THR B 109 -5.40 -17.10 -37.60
C THR B 109 -5.65 -15.67 -37.17
N PHE B 110 -4.85 -15.18 -36.21
CA PHE B 110 -5.07 -13.87 -35.62
C PHE B 110 -3.86 -12.96 -35.83
N GLU B 111 -4.09 -11.67 -35.62
CA GLU B 111 -3.06 -10.65 -35.79
C GLU B 111 -3.14 -9.71 -34.59
N ILE B 112 -2.09 -9.70 -33.77
CA ILE B 112 -2.05 -8.87 -32.57
C ILE B 112 -1.84 -7.41 -32.97
N PRO B 113 -2.29 -6.45 -32.17
CA PRO B 113 -1.98 -5.05 -32.45
C PRO B 113 -0.58 -4.71 -31.95
N PRO B 114 0.09 -3.76 -32.59
CA PRO B 114 1.47 -3.44 -32.20
C PRO B 114 1.63 -2.80 -30.83
N ASN B 115 0.89 -1.72 -30.57
CA ASN B 115 1.07 -0.98 -29.32
C ASN B 115 0.13 -1.49 -28.23
N LEU B 116 0.14 -2.79 -28.04
CA LEU B 116 -0.45 -3.43 -26.87
C LEU B 116 0.65 -3.82 -25.92
N PRO B 117 0.32 -4.28 -24.73
CA PRO B 117 1.37 -4.67 -23.79
C PRO B 117 2.00 -6.01 -24.14
N SER B 118 2.88 -6.54 -23.30
CA SER B 118 3.44 -7.85 -23.55
C SER B 118 3.19 -8.75 -22.35
N SER B 119 3.63 -9.99 -22.47
CA SER B 119 3.17 -11.06 -21.60
C SER B 119 3.87 -10.97 -20.27
N VAL B 120 3.28 -10.22 -19.35
CA VAL B 120 3.85 -10.07 -18.02
C VAL B 120 2.79 -10.48 -17.02
N THR B 121 3.23 -11.10 -15.95
CA THR B 121 2.37 -11.32 -14.80
C THR B 121 2.99 -10.57 -13.63
N LEU B 122 2.45 -10.78 -12.46
CA LEU B 122 2.95 -10.07 -11.30
C LEU B 122 2.99 -11.05 -10.14
N GLN B 123 3.93 -10.84 -9.24
CA GLN B 123 4.23 -11.86 -8.25
C GLN B 123 3.17 -11.89 -7.16
N PRO B 124 2.38 -12.95 -7.09
CA PRO B 124 1.37 -13.06 -6.03
C PRO B 124 1.94 -13.72 -4.79
N GLY B 125 1.59 -13.17 -3.63
CA GLY B 125 2.10 -13.68 -2.38
C GLY B 125 1.36 -14.89 -1.88
N PRO B 126 1.04 -14.92 -0.59
CA PRO B 126 0.25 -16.04 -0.06
C PRO B 126 -1.20 -16.03 -0.51
N GLU B 127 -1.84 -14.86 -0.54
CA GLU B 127 -3.24 -14.74 -0.94
C GLU B 127 -3.30 -14.88 -2.46
N ASP B 128 -3.38 -16.13 -2.91
CA ASP B 128 -3.23 -16.45 -4.33
C ASP B 128 -4.45 -15.98 -5.14
N THR B 129 -5.64 -16.47 -4.76
CA THR B 129 -6.92 -16.17 -5.41
C THR B 129 -6.92 -16.52 -6.90
N GLY B 130 -6.21 -17.59 -7.25
CA GLY B 130 -6.37 -18.27 -8.52
C GLY B 130 -5.82 -17.57 -9.74
N LYS B 131 -6.47 -16.48 -10.15
CA LYS B 131 -6.01 -15.74 -11.31
C LYS B 131 -4.73 -14.98 -10.99
N ALA B 132 -3.94 -14.76 -12.03
CA ALA B 132 -2.76 -13.90 -11.92
C ALA B 132 -3.21 -12.45 -12.07
N LEU B 133 -2.25 -11.54 -12.22
CA LEU B 133 -2.59 -10.13 -12.11
C LEU B 133 -2.15 -9.32 -13.32
N GLY B 134 -1.13 -9.76 -14.03
CA GLY B 134 -0.58 -8.99 -15.11
C GLY B 134 -1.35 -9.16 -16.40
N VAL B 135 -0.79 -8.59 -17.46
CA VAL B 135 -1.34 -8.68 -18.80
C VAL B 135 -1.19 -10.12 -19.28
N ASP B 136 -2.28 -10.86 -19.32
CA ASP B 136 -2.24 -12.26 -19.68
C ASP B 136 -3.13 -12.50 -20.88
N TYR B 137 -2.68 -13.37 -21.78
CA TYR B 137 -3.41 -13.59 -23.01
C TYR B 137 -4.20 -14.88 -22.91
N GLU B 138 -5.24 -14.99 -23.73
CA GLU B 138 -6.04 -16.19 -23.69
C GLU B 138 -6.71 -16.40 -25.04
N VAL B 139 -7.02 -17.66 -25.33
CA VAL B 139 -7.71 -18.05 -26.54
C VAL B 139 -8.84 -18.99 -26.13
N LYS B 140 -10.03 -18.45 -25.95
CA LYS B 140 -11.20 -19.25 -25.60
C LYS B 140 -12.00 -19.58 -26.84
N ALA B 141 -12.67 -20.71 -26.80
CA ALA B 141 -13.46 -21.20 -27.94
C ALA B 141 -14.92 -21.25 -27.55
N PHE B 142 -15.73 -20.45 -28.21
CA PHE B 142 -17.16 -20.41 -27.94
C PHE B 142 -17.89 -20.99 -29.14
N VAL B 143 -18.33 -22.23 -29.00
CA VAL B 143 -19.15 -22.88 -30.02
C VAL B 143 -20.59 -22.79 -29.53
N ALA B 144 -21.25 -21.70 -29.89
CA ALA B 144 -22.56 -21.39 -29.34
C ALA B 144 -23.29 -20.45 -30.29
N GLU B 145 -24.34 -19.80 -29.79
CA GLU B 145 -25.09 -18.80 -30.56
C GLU B 145 -24.35 -17.46 -30.51
N ASN B 146 -25.06 -16.39 -30.87
CA ASN B 146 -24.43 -15.08 -31.03
C ASN B 146 -23.98 -14.50 -29.70
N LEU B 147 -24.87 -14.49 -28.71
CA LEU B 147 -24.57 -13.91 -27.41
C LEU B 147 -25.00 -14.84 -26.31
N GLU B 148 -24.61 -16.11 -26.43
CA GLU B 148 -25.00 -17.12 -25.46
C GLU B 148 -24.34 -16.87 -24.11
N GLU B 149 -23.01 -16.88 -24.09
CA GLU B 149 -22.17 -16.63 -22.92
C GLU B 149 -22.43 -17.60 -21.77
N LYS B 150 -22.93 -18.79 -22.06
CA LYS B 150 -23.21 -19.76 -21.01
C LYS B 150 -21.93 -20.48 -20.60
N ILE B 151 -21.97 -21.07 -19.42
CA ILE B 151 -20.81 -21.81 -18.88
C ILE B 151 -20.95 -23.24 -19.37
N HIS B 152 -20.57 -23.45 -20.61
CA HIS B 152 -20.40 -24.80 -21.14
C HIS B 152 -18.95 -25.20 -20.90
N LYS B 153 -18.67 -25.48 -19.63
CA LYS B 153 -17.30 -25.42 -19.11
C LYS B 153 -16.41 -26.51 -19.72
N ARG B 154 -16.86 -27.76 -19.68
CA ARG B 154 -16.13 -28.79 -20.40
C ARG B 154 -16.34 -28.69 -21.90
N ASN B 155 -17.38 -28.00 -22.34
CA ASN B 155 -17.67 -27.89 -23.76
C ASN B 155 -17.02 -26.67 -24.40
N SER B 156 -16.24 -25.89 -23.65
CA SER B 156 -15.52 -24.75 -24.19
C SER B 156 -14.08 -24.76 -23.68
N VAL B 157 -13.12 -24.70 -24.59
CA VAL B 157 -11.71 -24.86 -24.26
C VAL B 157 -11.05 -23.49 -24.19
N ARG B 158 -10.15 -23.32 -23.22
CA ARG B 158 -9.35 -22.12 -23.06
C ARG B 158 -7.88 -22.50 -23.14
N LEU B 159 -7.03 -21.50 -23.35
CA LEU B 159 -5.62 -21.74 -23.54
C LEU B 159 -4.88 -20.53 -22.99
N VAL B 160 -3.60 -20.40 -23.31
CA VAL B 160 -2.82 -19.22 -22.96
C VAL B 160 -1.68 -19.11 -23.97
N ILE B 161 -1.31 -17.88 -24.31
CA ILE B 161 -0.26 -17.60 -25.26
C ILE B 161 0.75 -16.66 -24.60
N ARG B 162 1.74 -16.23 -25.36
CA ARG B 162 2.77 -15.36 -24.80
C ARG B 162 3.38 -14.51 -25.91
N LYS B 163 3.13 -13.20 -25.88
CA LYS B 163 3.87 -12.28 -26.72
C LYS B 163 5.11 -11.87 -25.97
N VAL B 164 6.26 -12.33 -26.41
CA VAL B 164 7.50 -12.16 -25.67
C VAL B 164 8.41 -11.23 -26.45
N GLN B 165 9.54 -10.89 -25.83
CA GLN B 165 10.55 -10.04 -26.42
C GLN B 165 11.74 -10.86 -26.87
N TYR B 166 12.74 -10.16 -27.37
CA TYR B 166 14.03 -10.74 -27.70
C TYR B 166 15.05 -9.62 -27.60
N ALA B 167 16.31 -9.96 -27.81
CA ALA B 167 17.36 -8.95 -27.74
C ALA B 167 17.27 -8.03 -28.94
N PRO B 168 17.41 -6.71 -28.74
CA PRO B 168 17.55 -5.81 -29.89
C PRO B 168 18.86 -6.08 -30.61
N GLU B 169 18.86 -5.83 -31.92
CA GLU B 169 19.96 -6.24 -32.78
C GLU B 169 21.23 -5.46 -32.47
N ARG B 170 21.14 -4.12 -32.53
CA ARG B 170 22.29 -3.27 -32.28
C ARG B 170 22.27 -2.87 -30.80
N PRO B 171 23.23 -3.32 -29.99
CA PRO B 171 23.26 -2.90 -28.59
C PRO B 171 23.68 -1.45 -28.46
N GLY B 172 23.16 -0.80 -27.43
CA GLY B 172 23.30 0.63 -27.27
C GLY B 172 24.64 1.07 -26.71
N PRO B 173 24.67 2.22 -26.06
CA PRO B 173 25.94 2.81 -25.63
C PRO B 173 26.51 2.18 -24.36
N GLN B 174 27.59 2.77 -23.85
CA GLN B 174 28.13 2.39 -22.55
C GLN B 174 27.58 3.37 -21.52
N PRO B 175 26.70 2.94 -20.62
CA PRO B 175 26.01 3.88 -19.74
C PRO B 175 26.87 4.30 -18.55
N THR B 176 26.69 5.55 -18.16
CA THR B 176 27.39 6.11 -17.01
C THR B 176 26.58 7.26 -16.45
N ALA B 177 27.00 7.71 -15.28
CA ALA B 177 26.41 8.87 -14.63
C ALA B 177 27.42 9.42 -13.66
N GLU B 178 27.20 10.67 -13.23
CA GLU B 178 28.12 11.33 -12.33
C GLU B 178 27.41 12.47 -11.62
N THR B 179 27.83 12.73 -10.38
CA THR B 179 27.30 13.86 -9.63
C THR B 179 28.32 14.22 -8.56
N THR B 180 28.41 15.52 -8.25
CA THR B 180 29.20 15.99 -7.12
C THR B 180 28.35 15.86 -5.85
N ARG B 181 28.85 16.36 -4.74
CA ARG B 181 28.07 16.30 -3.51
C ARG B 181 26.93 17.30 -3.58
N GLN B 182 25.71 16.79 -3.70
CA GLN B 182 24.54 17.60 -3.39
C GLN B 182 24.50 17.98 -1.92
N PHE B 183 25.14 17.20 -1.06
CA PHE B 183 25.50 17.64 0.28
C PHE B 183 26.95 18.10 0.29
N LEU B 184 27.18 19.23 -0.39
CA LEU B 184 28.51 19.83 -0.38
C LEU B 184 28.81 20.42 1.00
N MET B 185 28.03 21.43 1.39
CA MET B 185 27.87 21.96 2.75
C MET B 185 29.10 22.66 3.31
N SER B 186 30.24 22.65 2.62
CA SER B 186 31.44 23.28 3.18
C SER B 186 32.25 24.01 2.11
N ASP B 187 31.60 24.40 1.00
CA ASP B 187 32.26 24.94 -0.20
C ASP B 187 33.34 23.99 -0.73
N LYS B 188 33.06 22.69 -0.63
CA LYS B 188 33.94 21.63 -1.14
C LYS B 188 33.09 20.38 -1.37
N PRO B 189 32.54 20.19 -2.57
CA PRO B 189 31.76 18.98 -2.84
C PRO B 189 32.62 17.75 -3.05
N LEU B 190 31.97 16.65 -3.41
CA LEU B 190 32.60 15.34 -3.54
C LEU B 190 32.05 14.67 -4.79
N HIS B 191 32.88 14.55 -5.82
CA HIS B 191 32.42 13.96 -7.06
C HIS B 191 32.28 12.45 -6.91
N LEU B 192 31.72 11.84 -7.94
CA LEU B 192 31.30 10.44 -7.90
C LEU B 192 30.98 10.02 -9.32
N GLU B 193 31.40 8.81 -9.68
CA GLU B 193 31.17 8.35 -11.03
C GLU B 193 31.01 6.84 -11.03
N ALA B 194 30.22 6.34 -11.97
CA ALA B 194 29.96 4.92 -12.06
C ALA B 194 29.65 4.56 -13.50
N SER B 195 29.87 3.29 -13.84
CA SER B 195 29.63 2.82 -15.20
C SER B 195 29.54 1.30 -15.19
N LEU B 196 29.21 0.75 -16.35
CA LEU B 196 29.08 -0.69 -16.50
C LEU B 196 29.36 -1.08 -17.95
N ASP B 197 29.43 -2.39 -18.18
CA ASP B 197 29.99 -2.93 -19.41
C ASP B 197 29.09 -2.73 -20.62
N LYS B 198 27.93 -3.35 -20.63
CA LYS B 198 27.02 -3.29 -21.76
C LYS B 198 25.77 -2.51 -21.36
N GLU B 199 24.81 -2.44 -22.28
CA GLU B 199 23.50 -1.89 -21.98
C GLU B 199 22.45 -2.99 -21.97
N ILE B 200 22.34 -3.74 -23.06
CA ILE B 200 21.52 -4.93 -23.05
C ILE B 200 22.25 -6.01 -22.27
N TYR B 201 21.49 -6.90 -21.65
CA TYR B 201 22.07 -8.02 -20.91
C TYR B 201 21.16 -9.22 -21.01
N TYR B 202 21.72 -10.35 -21.41
CA TYR B 202 21.01 -11.60 -21.23
C TYR B 202 20.89 -11.88 -19.75
N HIS B 203 19.84 -12.60 -19.37
CA HIS B 203 19.68 -12.98 -17.99
C HIS B 203 20.74 -14.00 -17.58
N GLY B 204 21.14 -13.92 -16.31
CA GLY B 204 22.26 -14.69 -15.80
C GLY B 204 23.57 -13.95 -15.87
N GLU B 205 23.77 -13.15 -16.92
CA GLU B 205 24.94 -12.32 -17.01
C GLU B 205 24.90 -11.24 -15.93
N PRO B 206 26.01 -10.99 -15.25
CA PRO B 206 25.97 -10.15 -14.05
C PRO B 206 26.03 -8.67 -14.39
N ILE B 207 25.87 -7.87 -13.34
CA ILE B 207 26.15 -6.45 -13.39
C ILE B 207 27.64 -6.27 -13.23
N SER B 208 28.15 -5.08 -13.52
CA SER B 208 29.56 -4.79 -13.32
C SER B 208 29.66 -3.30 -12.98
N VAL B 209 29.63 -3.00 -11.69
CA VAL B 209 29.50 -1.60 -11.24
C VAL B 209 30.90 -1.03 -11.22
N ASN B 210 31.36 -0.59 -12.39
CA ASN B 210 32.64 0.10 -12.49
C ASN B 210 32.43 1.51 -11.98
N VAL B 211 33.00 1.81 -10.82
CA VAL B 211 32.67 3.04 -10.11
C VAL B 211 33.90 3.89 -9.89
N HIS B 212 33.72 5.04 -9.24
CA HIS B 212 34.84 5.88 -8.85
C HIS B 212 34.40 6.77 -7.69
N VAL B 213 35.02 6.58 -6.54
CA VAL B 213 34.84 7.49 -5.42
C VAL B 213 35.82 8.64 -5.59
N THR B 214 35.30 9.87 -5.54
CA THR B 214 36.11 11.05 -5.85
C THR B 214 35.91 12.08 -4.75
N ASN B 215 36.71 11.99 -3.69
CA ASN B 215 36.48 12.78 -2.49
C ASN B 215 37.29 14.07 -2.54
N ASN B 216 36.66 15.16 -2.11
CA ASN B 216 37.35 16.42 -1.84
C ASN B 216 36.88 17.01 -0.53
N THR B 217 36.20 16.25 0.31
CA THR B 217 35.62 16.75 1.55
C THR B 217 36.57 16.48 2.72
N ASN B 218 36.07 16.76 3.93
CA ASN B 218 36.88 16.65 5.14
C ASN B 218 36.32 15.63 6.12
N LYS B 219 35.54 14.67 5.62
CA LYS B 219 34.78 13.79 6.48
C LYS B 219 34.42 12.53 5.70
N THR B 220 33.37 11.85 6.15
CA THR B 220 32.53 11.02 5.30
C THR B 220 33.19 9.76 4.78
N VAL B 221 33.52 8.85 5.69
CA VAL B 221 33.95 7.51 5.28
C VAL B 221 32.73 6.81 4.73
N LYS B 222 32.58 6.85 3.42
CA LYS B 222 31.33 6.48 2.79
C LYS B 222 31.21 4.98 2.71
N LYS B 223 30.17 4.44 3.32
CA LYS B 223 29.76 3.08 3.01
C LYS B 223 29.19 3.07 1.60
N ILE B 224 29.82 2.32 0.71
CA ILE B 224 29.28 2.13 -0.62
C ILE B 224 28.19 1.07 -0.55
N LYS B 225 27.08 1.32 -1.21
CA LYS B 225 25.97 0.38 -1.25
C LYS B 225 25.43 0.33 -2.66
N ILE B 226 25.11 -0.87 -3.11
CA ILE B 226 24.63 -1.11 -4.45
C ILE B 226 23.21 -1.63 -4.33
N SER B 227 22.37 -1.32 -5.32
CA SER B 227 21.01 -1.80 -5.29
C SER B 227 20.52 -1.98 -6.71
N VAL B 228 19.92 -3.12 -7.00
CA VAL B 228 19.39 -3.42 -8.32
C VAL B 228 17.88 -3.34 -8.24
N ARG B 229 17.32 -2.25 -8.74
CA ARG B 229 15.89 -2.08 -8.67
C ARG B 229 15.29 -2.23 -10.05
N GLN B 230 14.06 -2.71 -10.07
CA GLN B 230 13.26 -2.64 -11.28
C GLN B 230 12.18 -1.59 -11.07
N TYR B 231 11.75 -1.01 -12.16
CA TYR B 231 10.65 -0.07 -12.18
C TYR B 231 9.61 -0.62 -13.12
N ALA B 232 8.54 -1.14 -12.55
CA ALA B 232 7.32 -1.41 -13.28
C ALA B 232 6.42 -0.22 -13.12
N ASP B 233 6.15 0.47 -14.21
CA ASP B 233 5.22 1.60 -14.20
C ASP B 233 4.00 1.20 -15.01
N ILE B 234 2.84 1.34 -14.38
CA ILE B 234 1.56 0.94 -14.97
C ILE B 234 0.85 2.18 -15.49
N VAL B 235 0.72 2.28 -16.81
CA VAL B 235 0.63 3.59 -17.46
C VAL B 235 -0.73 4.24 -17.25
N LEU B 236 -1.78 3.62 -17.79
CA LEU B 236 -3.08 4.29 -17.81
C LEU B 236 -3.74 4.29 -16.44
N PHE B 237 -3.32 3.39 -15.57
CA PHE B 237 -3.88 3.27 -14.24
C PHE B 237 -3.12 4.26 -13.34
N ASN B 238 -3.26 4.10 -12.02
CA ASN B 238 -2.44 4.84 -11.07
C ASN B 238 -0.99 4.47 -11.28
N THR B 239 -0.20 5.43 -11.80
CA THR B 239 1.12 5.14 -12.37
C THR B 239 2.11 4.82 -11.25
N ALA B 240 1.99 3.61 -10.71
CA ALA B 240 2.69 3.25 -9.48
C ALA B 240 4.14 2.98 -9.80
N GLN B 241 5.02 3.81 -9.27
CA GLN B 241 6.45 3.56 -9.38
C GLN B 241 6.82 2.42 -8.46
N TYR B 242 6.84 1.20 -8.98
CA TYR B 242 7.12 0.03 -8.17
C TYR B 242 8.62 -0.06 -7.97
N LYS B 243 9.12 0.68 -6.99
CA LYS B 243 10.55 0.65 -6.70
C LYS B 243 10.85 -0.62 -5.92
N VAL B 244 11.18 -1.67 -6.64
CA VAL B 244 11.37 -2.98 -6.04
C VAL B 244 12.82 -3.38 -6.22
N PRO B 245 13.60 -3.54 -5.16
CA PRO B 245 14.97 -4.04 -5.32
C PRO B 245 14.95 -5.52 -5.61
N VAL B 246 15.91 -5.95 -6.42
CA VAL B 246 15.94 -7.34 -6.82
C VAL B 246 16.92 -8.09 -5.95
N ALA B 247 18.19 -7.73 -6.04
CA ALA B 247 19.24 -8.43 -5.30
C ALA B 247 20.31 -7.40 -4.94
N MET B 248 20.25 -6.87 -3.72
CA MET B 248 21.21 -5.88 -3.28
C MET B 248 22.55 -6.54 -2.98
N GLU B 249 23.59 -5.71 -2.89
CA GLU B 249 24.93 -6.18 -2.53
C GLU B 249 25.70 -5.01 -1.93
N GLU B 250 25.79 -4.97 -0.61
CA GLU B 250 26.46 -3.87 0.07
C GLU B 250 27.97 -3.96 -0.11
N ALA B 251 28.65 -2.90 0.33
CA ALA B 251 30.11 -2.86 0.32
C ALA B 251 30.59 -2.20 1.60
N ASP B 252 31.78 -2.61 2.04
CA ASP B 252 32.35 -2.13 3.29
C ASP B 252 33.52 -1.18 3.07
N ASP B 253 33.54 -0.50 1.94
CA ASP B 253 34.58 0.48 1.69
C ASP B 253 34.30 1.74 2.50
N THR B 254 35.28 2.65 2.51
CA THR B 254 35.20 3.86 3.30
C THR B 254 36.00 4.95 2.62
N VAL B 255 35.42 6.14 2.55
CA VAL B 255 35.97 7.23 1.77
C VAL B 255 36.73 8.14 2.71
N ALA B 256 38.06 8.06 2.65
CA ALA B 256 38.89 8.94 3.45
C ALA B 256 38.71 10.39 2.97
N PRO B 257 38.76 11.36 3.88
CA PRO B 257 38.68 12.77 3.48
C PRO B 257 39.80 13.15 2.52
N SER B 258 39.39 13.60 1.32
CA SER B 258 40.27 13.93 0.20
C SER B 258 41.15 12.73 -0.19
N SER B 259 40.48 11.67 -0.64
CA SER B 259 41.13 10.50 -1.21
C SER B 259 40.33 10.09 -2.45
N THR B 260 40.63 8.91 -2.99
CA THR B 260 39.86 8.41 -4.13
C THR B 260 39.87 6.90 -4.12
N PHE B 261 38.98 6.33 -4.94
CA PHE B 261 38.79 4.88 -4.98
C PHE B 261 37.98 4.52 -6.21
N SER B 262 38.31 3.36 -6.81
CA SER B 262 37.53 2.78 -7.89
C SER B 262 37.49 1.28 -7.73
N LYS B 263 36.37 0.66 -8.15
CA LYS B 263 36.21 -0.78 -8.12
C LYS B 263 35.19 -1.20 -9.15
N VAL B 264 34.99 -2.51 -9.25
CA VAL B 264 34.02 -3.12 -10.15
C VAL B 264 33.26 -4.18 -9.36
N TYR B 265 31.93 -4.06 -9.32
CA TYR B 265 31.10 -4.91 -8.47
C TYR B 265 30.25 -5.81 -9.34
N THR B 266 30.47 -7.11 -9.22
CA THR B 266 29.77 -8.12 -10.01
C THR B 266 28.45 -8.47 -9.34
N LEU B 267 27.37 -8.55 -10.11
CA LEU B 267 26.08 -8.85 -9.51
C LEU B 267 25.17 -9.52 -10.53
N THR B 268 24.94 -10.82 -10.38
CA THR B 268 23.79 -11.45 -11.02
C THR B 268 22.63 -11.49 -10.05
N PRO B 269 21.52 -10.85 -10.34
CA PRO B 269 20.30 -11.06 -9.53
C PRO B 269 19.55 -12.29 -10.01
N PHE B 270 18.81 -12.88 -9.09
CA PHE B 270 18.15 -14.14 -9.37
C PHE B 270 16.72 -14.11 -8.85
N LEU B 271 15.85 -14.89 -9.48
CA LEU B 271 14.42 -14.85 -9.19
C LEU B 271 14.09 -15.59 -7.90
N ALA B 272 14.45 -16.88 -7.84
CA ALA B 272 14.12 -17.69 -6.68
C ALA B 272 14.95 -17.28 -5.46
N ASN B 273 16.11 -16.68 -5.69
CA ASN B 273 16.86 -16.08 -4.60
C ASN B 273 16.10 -14.88 -4.01
N ASN B 274 15.44 -14.12 -4.88
CA ASN B 274 14.65 -12.98 -4.44
C ASN B 274 13.16 -13.32 -4.36
N ARG B 275 12.82 -14.58 -4.15
CA ARG B 275 11.44 -15.02 -4.21
C ARG B 275 10.65 -14.54 -3.00
N GLU B 276 9.34 -14.79 -3.06
CA GLU B 276 8.37 -14.45 -2.01
C GLU B 276 8.36 -12.95 -1.71
N LYS B 277 8.00 -12.18 -2.72
CA LYS B 277 7.71 -10.76 -2.59
C LYS B 277 6.51 -10.45 -3.45
N ARG B 278 5.48 -9.85 -2.86
CA ARG B 278 4.39 -9.35 -3.70
C ARG B 278 4.86 -8.15 -4.50
N GLY B 279 4.10 -7.84 -5.54
CA GLY B 279 4.26 -6.54 -6.16
C GLY B 279 5.48 -6.38 -7.02
N LEU B 280 6.08 -7.46 -7.49
CA LEU B 280 7.13 -7.31 -8.48
C LEU B 280 6.73 -8.06 -9.74
N ALA B 281 7.53 -7.84 -10.76
CA ALA B 281 7.21 -8.33 -12.09
C ALA B 281 7.94 -9.64 -12.30
N LEU B 282 7.24 -10.73 -12.09
CA LEU B 282 7.72 -11.95 -12.70
C LEU B 282 7.45 -11.88 -14.19
N ASP B 283 8.14 -12.72 -14.96
CA ASP B 283 7.93 -12.72 -16.40
C ASP B 283 6.67 -13.49 -16.73
N GLY B 284 6.48 -13.79 -18.01
CA GLY B 284 5.27 -14.44 -18.46
C GLY B 284 5.13 -15.88 -18.00
N LYS B 285 4.25 -16.08 -17.02
CA LYS B 285 4.13 -17.36 -16.37
C LYS B 285 3.45 -18.39 -17.28
N LEU B 286 3.73 -19.65 -17.00
CA LEU B 286 2.94 -20.78 -17.47
C LEU B 286 1.81 -21.00 -16.47
N LYS B 287 1.20 -22.18 -16.49
CA LYS B 287 0.30 -22.58 -15.40
C LYS B 287 1.00 -22.46 -14.06
N HIS B 288 2.17 -23.08 -13.94
CA HIS B 288 3.09 -22.84 -12.84
C HIS B 288 4.46 -23.31 -13.30
N GLU B 289 5.44 -22.42 -13.30
CA GLU B 289 6.74 -22.74 -13.88
C GLU B 289 7.82 -21.94 -13.17
N ASP B 290 9.05 -22.12 -13.64
CA ASP B 290 10.21 -21.39 -13.12
C ASP B 290 10.52 -20.23 -14.07
N THR B 291 9.72 -19.18 -13.96
CA THR B 291 9.85 -18.03 -14.84
C THR B 291 10.88 -17.05 -14.29
N ASN B 292 11.58 -16.38 -15.21
CA ASN B 292 12.62 -15.43 -14.83
C ASN B 292 12.01 -14.17 -14.24
N LEU B 293 12.85 -13.31 -13.71
CA LEU B 293 12.43 -11.95 -13.45
C LEU B 293 12.13 -11.29 -14.78
N ALA B 294 11.12 -10.43 -14.79
CA ALA B 294 10.51 -10.01 -16.04
C ALA B 294 11.44 -9.12 -16.83
N SER B 295 11.82 -9.59 -18.02
CA SER B 295 12.73 -8.87 -18.90
C SER B 295 12.14 -7.53 -19.30
N SER B 296 13.02 -6.55 -19.46
CA SER B 296 12.62 -5.15 -19.51
C SER B 296 11.84 -4.83 -20.76
N THR B 297 10.75 -4.11 -20.58
CA THR B 297 9.91 -3.75 -21.70
C THR B 297 10.51 -2.55 -22.39
N LEU B 298 10.81 -2.70 -23.68
CA LEU B 298 11.26 -1.59 -24.49
C LEU B 298 10.20 -0.50 -24.51
N LEU B 299 10.63 0.74 -24.60
CA LEU B 299 9.67 1.78 -24.88
C LEU B 299 9.31 1.73 -26.36
N ARG B 300 8.34 2.55 -26.75
CA ARG B 300 7.96 2.62 -28.14
C ARG B 300 9.05 3.29 -28.96
N GLU B 301 9.48 2.63 -30.04
CA GLU B 301 10.23 3.33 -31.05
C GLU B 301 9.35 4.43 -31.64
N GLY B 302 9.75 5.68 -31.46
CA GLY B 302 8.79 6.74 -31.63
C GLY B 302 7.82 6.73 -30.47
N ALA B 303 8.29 7.16 -29.30
CA ALA B 303 7.62 6.94 -28.01
C ALA B 303 6.36 7.81 -27.90
N ASN B 304 5.32 7.38 -28.60
CA ASN B 304 4.00 8.01 -28.58
C ASN B 304 2.95 7.02 -28.09
N ARG B 305 3.28 6.28 -27.04
CA ARG B 305 2.41 5.21 -26.53
C ARG B 305 2.22 5.39 -25.03
N GLU B 306 1.23 6.20 -24.66
CA GLU B 306 0.71 6.18 -23.29
C GLU B 306 -0.50 5.27 -23.21
N ILE B 307 -0.34 4.04 -23.69
CA ILE B 307 -1.41 3.05 -23.80
C ILE B 307 -1.81 2.57 -22.42
N LEU B 308 -2.89 1.80 -22.35
CA LEU B 308 -3.08 0.96 -21.18
C LEU B 308 -2.00 -0.11 -21.24
N GLY B 309 -0.93 0.10 -20.49
CA GLY B 309 0.19 -0.83 -20.52
C GLY B 309 0.96 -0.75 -19.22
N ILE B 310 1.75 -1.78 -18.98
CA ILE B 310 2.62 -1.86 -17.82
C ILE B 310 4.05 -1.96 -18.35
N ILE B 311 4.79 -0.88 -18.25
CA ILE B 311 6.14 -0.86 -18.76
C ILE B 311 7.06 -1.44 -17.69
N VAL B 312 8.18 -2.02 -18.11
CA VAL B 312 9.12 -2.66 -17.20
C VAL B 312 10.50 -2.12 -17.51
N SER B 313 11.16 -1.58 -16.49
CA SER B 313 12.42 -0.90 -16.71
C SER B 313 13.31 -1.10 -15.50
N TYR B 314 14.59 -1.37 -15.75
CA TYR B 314 15.53 -1.63 -14.68
C TYR B 314 16.54 -0.50 -14.56
N LYS B 315 16.98 -0.24 -13.33
CA LYS B 315 18.07 0.69 -13.12
C LYS B 315 18.77 0.36 -11.82
N VAL B 316 20.07 0.67 -11.78
CA VAL B 316 20.91 0.35 -10.63
C VAL B 316 21.17 1.64 -9.88
N LYS B 317 21.62 1.53 -8.64
CA LYS B 317 21.83 2.69 -7.80
C LYS B 317 23.07 2.50 -6.95
N VAL B 318 23.97 3.48 -6.99
CA VAL B 318 25.19 3.47 -6.20
C VAL B 318 24.99 4.39 -5.01
N LYS B 319 24.71 3.79 -3.87
CA LYS B 319 24.40 4.53 -2.65
C LYS B 319 25.70 4.79 -1.92
N LEU B 320 26.27 5.97 -2.15
CA LEU B 320 27.44 6.41 -1.39
C LEU B 320 26.93 6.93 -0.06
N VAL B 321 26.78 6.01 0.89
CA VAL B 321 26.21 6.35 2.19
C VAL B 321 27.35 6.76 3.11
N VAL B 322 27.42 8.04 3.43
CA VAL B 322 28.53 8.56 4.22
C VAL B 322 28.00 9.22 5.49
N SER B 323 27.29 10.35 5.31
CA SER B 323 26.45 10.99 6.33
C SER B 323 27.20 11.32 7.62
N ARG B 324 28.44 11.80 7.48
CA ARG B 324 29.28 12.04 8.65
C ARG B 324 28.81 13.24 9.46
N GLY B 325 28.20 14.22 8.82
CA GLY B 325 27.84 15.45 9.49
C GLY B 325 26.65 15.34 10.42
N GLY B 326 26.81 14.61 11.52
CA GLY B 326 25.72 14.45 12.47
C GLY B 326 26.21 13.95 13.80
N LEU B 327 25.45 13.05 14.43
CA LEU B 327 25.88 12.44 15.69
C LEU B 327 26.86 11.30 15.42
N LEU B 328 26.43 10.28 14.68
CA LEU B 328 27.31 9.20 14.30
C LEU B 328 27.16 8.75 12.86
N GLY B 329 26.15 9.22 12.13
CA GLY B 329 25.90 8.74 10.78
C GLY B 329 24.43 8.52 10.51
N ASP B 330 23.68 8.13 11.55
CA ASP B 330 22.24 8.01 11.41
C ASP B 330 21.52 9.33 11.61
N LEU B 331 22.19 10.31 12.21
CA LEU B 331 21.56 11.61 12.45
C LEU B 331 21.57 12.48 11.21
N ALA B 332 22.66 12.48 10.45
CA ALA B 332 22.69 13.20 9.19
C ALA B 332 21.83 12.50 8.15
N SER B 333 22.14 11.24 7.86
CA SER B 333 21.44 10.38 6.89
C SER B 333 21.40 11.03 5.50
N SER B 334 22.57 11.47 5.04
CA SER B 334 22.64 12.17 3.76
C SER B 334 22.63 11.18 2.60
N ASP B 335 23.68 10.37 2.48
CA ASP B 335 23.78 9.21 1.58
C ASP B 335 23.53 9.60 0.12
N VAL B 336 24.49 10.35 -0.43
CA VAL B 336 24.41 10.79 -1.82
C VAL B 336 24.44 9.58 -2.74
N ALA B 337 23.60 9.59 -3.77
CA ALA B 337 23.43 8.42 -4.64
C ALA B 337 22.89 8.84 -5.99
N VAL B 338 23.53 8.38 -7.05
CA VAL B 338 23.05 8.58 -8.40
C VAL B 338 22.56 7.22 -8.89
N GLU B 339 21.78 7.22 -9.97
CA GLU B 339 21.33 5.97 -10.57
C GLU B 339 21.85 5.82 -11.99
N LEU B 340 21.58 4.66 -12.54
CA LEU B 340 22.17 4.27 -13.81
C LEU B 340 21.30 3.21 -14.47
N PRO B 341 20.51 3.56 -15.46
CA PRO B 341 19.62 2.59 -16.08
C PRO B 341 20.35 1.66 -17.03
N PHE B 342 19.63 0.62 -17.43
CA PHE B 342 20.11 -0.46 -18.27
C PHE B 342 18.89 -1.26 -18.66
N THR B 343 19.11 -2.36 -19.37
CA THR B 343 18.01 -3.25 -19.73
C THR B 343 18.42 -4.68 -19.46
N LEU B 344 17.44 -5.58 -19.56
CA LEU B 344 17.68 -7.01 -19.40
C LEU B 344 16.66 -7.74 -20.25
N MET B 345 17.11 -8.68 -21.06
CA MET B 345 16.23 -9.34 -22.01
C MET B 345 16.73 -10.75 -22.23
N HIS B 346 15.85 -11.72 -22.10
CA HIS B 346 16.15 -13.06 -22.56
C HIS B 346 16.31 -12.98 -24.07
N PRO B 347 17.51 -13.15 -24.61
CA PRO B 347 17.75 -12.83 -26.02
C PRO B 347 17.08 -13.77 -27.00
N LYS B 348 17.29 -15.08 -26.80
CA LYS B 348 16.77 -16.16 -27.64
C LYS B 348 17.08 -15.99 -29.13
N PRO C 1 -9.42 22.27 57.07
CA PRO C 1 -8.61 21.18 56.51
C PRO C 1 -8.17 21.46 55.08
N SER C 2 -8.30 20.44 54.23
CA SER C 2 -8.07 20.61 52.79
C SER C 2 -9.08 19.80 51.98
N SER C 3 -10.23 19.48 52.55
CA SER C 3 -11.14 18.52 51.97
C SER C 3 -11.97 19.08 50.82
N GLU C 4 -11.79 20.34 50.45
CA GLU C 4 -12.52 20.87 49.30
C GLU C 4 -12.05 20.28 48.00
N LEU C 5 -10.80 19.82 47.95
CA LEU C 5 -10.28 19.09 46.80
C LEU C 5 -10.15 17.60 47.10
N ASP C 6 -11.12 17.04 47.82
CA ASP C 6 -11.15 15.60 48.10
C ASP C 6 -12.10 14.94 47.12
N VAL C 7 -11.55 14.23 46.14
CA VAL C 7 -12.35 13.53 45.14
C VAL C 7 -12.92 12.28 45.79
N ASN C 8 -14.18 12.34 46.21
CA ASN C 8 -14.82 11.23 46.91
C ASN C 8 -15.09 10.12 45.91
N THR C 9 -14.23 9.11 45.90
CA THR C 9 -14.34 8.00 44.98
C THR C 9 -14.17 6.70 45.74
N ASP C 10 -14.91 5.67 45.32
CA ASP C 10 -14.81 4.37 45.96
C ASP C 10 -13.48 3.72 45.58
N ILE C 11 -12.78 3.19 46.58
CA ILE C 11 -11.42 2.68 46.36
C ILE C 11 -11.44 1.41 45.53
N TYR C 12 -12.47 0.58 45.68
CA TYR C 12 -12.59 -0.60 44.85
C TYR C 12 -12.83 -0.22 43.40
N SER C 13 -13.64 0.82 43.19
CA SER C 13 -13.92 1.29 41.85
C SER C 13 -12.68 1.87 41.19
N LYS C 14 -11.92 2.67 41.94
CA LYS C 14 -10.69 3.23 41.41
C LYS C 14 -9.67 2.14 41.14
N VAL C 15 -9.68 1.08 41.94
CA VAL C 15 -8.80 -0.05 41.71
C VAL C 15 -9.16 -0.74 40.41
N LEU C 16 -10.46 -0.95 40.18
CA LEU C 16 -10.90 -1.59 38.94
C LEU C 16 -10.58 -0.72 37.74
N VAL C 17 -10.73 0.59 37.88
CA VAL C 17 -10.41 1.52 36.81
C VAL C 17 -8.93 1.43 36.49
N THR C 18 -8.08 1.44 37.51
CA THR C 18 -6.65 1.39 37.31
C THR C 18 -6.21 0.07 36.69
N ALA C 19 -6.92 -1.01 37.01
CA ALA C 19 -6.69 -2.27 36.31
C ALA C 19 -7.01 -2.14 34.83
N VAL C 20 -8.11 -1.46 34.52
CA VAL C 20 -8.50 -1.30 33.12
C VAL C 20 -7.48 -0.47 32.35
N TYR C 21 -7.00 0.61 32.97
CA TYR C 21 -5.99 1.45 32.35
C TYR C 21 -4.68 0.70 32.19
N LEU C 22 -4.34 -0.14 33.17
CA LEU C 22 -3.10 -0.90 33.09
C LEU C 22 -3.15 -1.92 31.96
N ALA C 23 -4.29 -2.61 31.84
CA ALA C 23 -4.46 -3.59 30.77
C ALA C 23 -4.41 -2.93 29.41
N LEU C 24 -5.11 -1.81 29.27
CA LEU C 24 -5.13 -1.08 28.01
C LEU C 24 -3.75 -0.54 27.68
N PHE C 25 -2.98 -0.12 28.68
CA PHE C 25 -1.63 0.34 28.43
C PHE C 25 -0.73 -0.78 27.94
N VAL C 26 -0.86 -1.97 28.54
CA VAL C 26 -0.04 -3.10 28.14
C VAL C 26 -0.33 -3.50 26.70
N VAL C 27 -1.62 -3.69 26.40
CA VAL C 27 -1.97 -4.18 25.07
C VAL C 27 -1.78 -3.09 24.04
N GLY C 28 -1.96 -1.82 24.41
CA GLY C 28 -1.81 -0.75 23.46
C GLY C 28 -0.36 -0.51 23.13
N THR C 29 0.52 -0.52 24.14
CA THR C 29 1.94 -0.36 23.92
C THR C 29 2.49 -1.50 23.09
N VAL C 30 2.17 -2.73 23.47
CA VAL C 30 2.71 -3.90 22.79
C VAL C 30 2.19 -3.97 21.36
N GLY C 31 0.87 -3.88 21.19
CA GLY C 31 0.29 -3.97 19.86
C GLY C 31 0.62 -2.79 18.98
N ASN C 32 0.80 -1.61 19.56
CA ASN C 32 1.10 -0.45 18.74
C ASN C 32 2.53 -0.49 18.24
N THR C 33 3.49 -0.82 19.10
CA THR C 33 4.86 -0.87 18.60
C THR C 33 5.07 -2.09 17.72
N VAL C 34 4.29 -3.15 17.96
CA VAL C 34 4.38 -4.32 17.10
C VAL C 34 3.79 -4.00 15.75
N THR C 35 2.73 -3.18 15.73
CA THR C 35 2.15 -2.74 14.47
C THR C 35 3.10 -1.83 13.72
N ALA C 36 3.83 -0.99 14.46
CA ALA C 36 4.79 -0.09 13.82
C ALA C 36 5.91 -0.88 13.16
N PHE C 37 6.52 -1.80 13.88
CA PHE C 37 7.62 -2.54 13.30
C PHE C 37 7.14 -3.56 12.28
N THR C 38 5.93 -4.09 12.46
CA THR C 38 5.31 -4.95 11.48
C THR C 38 5.11 -4.22 10.18
N LEU C 39 4.65 -2.98 10.26
CA LEU C 39 4.36 -2.22 9.06
C LEU C 39 5.65 -1.79 8.39
N ALA C 40 6.67 -1.47 9.17
CA ALA C 40 7.95 -1.10 8.58
C ALA C 40 8.60 -2.29 7.88
N ARG C 41 8.45 -3.48 8.45
CA ARG C 41 8.91 -4.67 7.75
C ARG C 41 7.98 -5.03 6.59
N LYS C 42 6.73 -4.56 6.62
CA LYS C 42 5.84 -4.80 5.49
C LYS C 42 6.20 -3.93 4.31
N LYS C 43 6.80 -2.77 4.57
CA LYS C 43 7.46 -2.06 3.48
C LYS C 43 8.61 -2.89 2.93
N SER C 44 9.31 -3.60 3.81
CA SER C 44 10.37 -4.51 3.40
C SER C 44 9.86 -5.83 2.85
N LEU C 45 8.56 -6.11 2.94
CA LEU C 45 8.03 -7.38 2.48
C LEU C 45 7.07 -7.26 1.32
N GLN C 46 6.04 -6.42 1.45
CA GLN C 46 5.13 -6.20 0.33
C GLN C 46 5.84 -5.48 -0.79
N SER C 47 6.72 -4.56 -0.44
CA SER C 47 7.87 -4.14 -1.24
C SER C 47 7.48 -3.52 -2.58
N LEU C 48 6.30 -3.01 -2.70
CA LEU C 48 5.93 -2.41 -3.97
C LEU C 48 5.44 -0.98 -3.82
N GLN C 49 4.67 -0.68 -2.79
CA GLN C 49 4.13 0.65 -2.61
C GLN C 49 4.28 1.08 -1.15
N SER C 50 4.41 2.39 -0.96
CA SER C 50 4.42 3.03 0.34
C SER C 50 3.51 4.24 0.31
N THR C 51 2.30 4.04 -0.22
CA THR C 51 1.36 5.15 -0.38
C THR C 51 0.79 5.57 0.96
N VAL C 52 0.06 4.66 1.61
CA VAL C 52 -0.62 4.95 2.87
C VAL C 52 0.09 4.32 4.04
N HIS C 53 1.13 3.54 3.78
CA HIS C 53 2.04 3.01 4.78
C HIS C 53 2.49 4.10 5.75
N TYR C 54 2.81 5.27 5.22
CA TYR C 54 3.23 6.37 6.07
C TYR C 54 2.08 6.88 6.94
N HIS C 55 0.86 6.89 6.41
CA HIS C 55 -0.28 7.33 7.20
C HIS C 55 -0.50 6.42 8.38
N LEU C 56 -0.54 5.12 8.11
CA LEU C 56 -0.75 4.16 9.20
C LEU C 56 0.40 4.18 10.18
N GLY C 57 1.61 4.44 9.70
CA GLY C 57 2.72 4.59 10.62
C GLY C 57 2.55 5.78 11.54
N SER C 58 2.07 6.90 10.97
CA SER C 58 1.87 8.10 11.79
C SER C 58 0.79 7.88 12.81
N LEU C 59 -0.24 7.13 12.44
CA LEU C 59 -1.33 6.85 13.35
C LEU C 59 -0.88 5.96 14.48
N ALA C 60 -0.14 4.90 14.16
CA ALA C 60 0.38 4.02 15.20
C ALA C 60 1.36 4.73 16.09
N LEU C 61 2.14 5.65 15.53
CA LEU C 61 3.09 6.43 16.30
C LEU C 61 2.38 7.36 17.26
N SER C 62 1.33 8.01 16.77
CA SER C 62 0.50 8.88 17.60
C SER C 62 -0.10 8.11 18.75
N ASP C 63 -0.68 6.95 18.46
CA ASP C 63 -1.35 6.17 19.50
C ASP C 63 -0.36 5.68 20.53
N LEU C 64 0.82 5.25 20.07
CA LEU C 64 1.86 4.78 20.98
C LEU C 64 2.29 5.88 21.93
N LEU C 65 2.57 7.06 21.38
CA LEU C 65 3.10 8.10 22.25
C LEU C 65 2.01 8.69 23.12
N THR C 66 0.76 8.71 22.66
CA THR C 66 -0.27 9.26 23.55
C THR C 66 -0.58 8.30 24.68
N LEU C 67 -0.49 6.99 24.44
CA LEU C 67 -0.68 6.05 25.52
C LEU C 67 0.43 6.19 26.53
N LEU C 68 1.68 6.09 26.08
CA LEU C 68 2.81 6.08 27.02
C LEU C 68 3.00 7.43 27.69
N LEU C 69 2.62 8.52 27.03
CA LEU C 69 2.76 9.81 27.69
C LEU C 69 1.62 10.06 28.65
N ALA C 70 0.39 9.96 28.16
CA ALA C 70 -0.73 10.45 28.96
C ALA C 70 -1.12 9.50 30.07
N MET C 71 -1.06 8.18 29.83
CA MET C 71 -1.57 7.21 30.81
C MET C 71 -0.94 7.24 32.21
N PRO C 72 0.39 7.46 32.42
CA PRO C 72 0.88 7.51 33.81
C PRO C 72 0.34 8.67 34.63
N VAL C 73 0.47 9.88 34.08
CA VAL C 73 0.04 11.07 34.81
C VAL C 73 -1.47 11.06 34.99
N GLU C 74 -2.21 10.68 33.94
CA GLU C 74 -3.65 10.62 34.03
C GLU C 74 -4.11 9.52 34.96
N LEU C 75 -3.30 8.48 35.15
CA LEU C 75 -3.59 7.53 36.20
C LEU C 75 -3.42 8.19 37.56
N TYR C 76 -2.20 8.62 37.87
CA TYR C 76 -1.85 8.98 39.23
C TYR C 76 -2.52 10.28 39.65
N ASN C 77 -2.18 11.38 38.97
CA ASN C 77 -2.55 12.69 39.47
C ASN C 77 -4.03 12.98 39.32
N PHE C 78 -4.76 12.24 38.50
CA PHE C 78 -6.19 12.46 38.36
C PHE C 78 -7.00 11.38 39.06
N ILE C 79 -6.80 10.10 38.73
CA ILE C 79 -7.63 9.08 39.35
C ILE C 79 -7.19 8.84 40.79
N TRP C 80 -5.88 8.91 41.06
CA TRP C 80 -5.43 8.53 42.39
C TRP C 80 -5.22 9.69 43.36
N VAL C 81 -4.25 10.55 43.10
CA VAL C 81 -3.89 11.60 44.03
C VAL C 81 -4.50 12.89 43.49
N HIS C 82 -5.74 13.15 43.88
CA HIS C 82 -6.43 14.29 43.31
C HIS C 82 -6.03 15.58 44.01
N HIS C 83 -5.87 15.54 45.32
CA HIS C 83 -5.62 16.75 46.08
C HIS C 83 -4.18 17.29 45.97
N PRO C 84 -3.10 16.52 46.22
CA PRO C 84 -1.79 17.19 46.30
C PRO C 84 -1.23 17.63 44.96
N TRP C 85 -1.33 16.80 43.90
CA TRP C 85 -0.83 17.10 42.56
C TRP C 85 0.68 17.37 42.53
N ALA C 86 1.48 16.32 42.43
CA ALA C 86 2.93 16.44 42.60
C ALA C 86 3.73 16.30 41.31
N PHE C 87 3.31 16.92 40.20
CA PHE C 87 4.10 16.73 38.99
C PHE C 87 4.38 18.03 38.23
N GLY C 88 4.54 19.15 38.93
CA GLY C 88 5.16 20.32 38.32
C GLY C 88 4.27 21.25 37.51
N ASP C 89 4.41 22.57 37.75
CA ASP C 89 3.48 23.56 37.22
C ASP C 89 3.64 23.73 35.71
N ALA C 90 4.83 24.11 35.26
CA ALA C 90 5.11 24.09 33.83
C ALA C 90 5.09 22.68 33.29
N GLY C 91 5.36 21.69 34.16
CA GLY C 91 5.17 20.30 33.79
C GLY C 91 3.73 19.98 33.41
N CYS C 92 2.77 20.44 34.21
CA CYS C 92 1.40 20.09 33.88
C CYS C 92 0.86 20.95 32.74
N ARG C 93 1.35 22.18 32.60
CA ARG C 93 1.00 22.97 31.42
C ARG C 93 1.47 22.27 30.14
N GLY C 94 2.70 21.77 30.15
CA GLY C 94 3.18 20.97 29.03
C GLY C 94 2.42 19.67 28.87
N TYR C 95 1.93 19.10 29.98
CA TYR C 95 1.18 17.86 29.91
C TYR C 95 -0.14 18.04 29.17
N TYR C 96 -0.87 19.10 29.49
CA TYR C 96 -2.08 19.39 28.73
C TYR C 96 -1.77 19.74 27.29
N PHE C 97 -0.64 20.42 27.04
CA PHE C 97 -0.21 20.66 25.67
C PHE C 97 0.02 19.35 24.93
N LEU C 98 0.60 18.37 25.62
CA LEU C 98 0.89 17.09 24.99
C LEU C 98 -0.38 16.32 24.68
N ARG C 99 -1.31 16.24 25.63
CA ARG C 99 -2.51 15.47 25.34
C ARG C 99 -3.37 16.16 24.29
N ASP C 100 -3.33 17.50 24.24
CA ASP C 100 -4.08 18.19 23.21
C ASP C 100 -3.47 17.94 21.84
N ALA C 101 -2.13 17.99 21.75
CA ALA C 101 -1.46 17.73 20.50
C ALA C 101 -1.65 16.30 20.04
N CYS C 102 -1.71 15.38 20.98
CA CYS C 102 -1.86 13.97 20.63
C CYS C 102 -3.27 13.66 20.15
N THR C 103 -4.28 14.21 20.85
CA THR C 103 -5.65 14.08 20.37
C THR C 103 -5.81 14.67 18.99
N TYR C 104 -5.20 15.83 18.75
CA TYR C 104 -5.31 16.47 17.45
C TYR C 104 -4.61 15.65 16.38
N ALA C 105 -3.48 15.03 16.75
CA ALA C 105 -2.75 14.18 15.83
C ALA C 105 -3.58 13.00 15.40
N THR C 106 -4.12 12.27 16.36
CA THR C 106 -4.97 11.13 16.07
C THR C 106 -6.22 11.54 15.31
N ALA C 107 -6.80 12.69 15.67
CA ALA C 107 -8.04 13.14 15.05
C ALA C 107 -7.83 13.47 13.59
N LEU C 108 -6.99 14.46 13.31
CA LEU C 108 -6.74 14.85 11.93
C LEU C 108 -6.04 13.76 11.15
N ASN C 109 -5.37 12.84 11.83
CA ASN C 109 -4.68 11.77 11.15
C ASN C 109 -5.64 10.73 10.66
N VAL C 110 -6.62 10.33 11.49
CA VAL C 110 -7.60 9.37 10.99
C VAL C 110 -8.52 10.07 10.00
N ALA C 111 -8.66 11.39 10.12
CA ALA C 111 -9.40 12.16 9.13
C ALA C 111 -8.73 12.08 7.77
N SER C 112 -7.43 12.39 7.72
CA SER C 112 -6.69 12.37 6.47
C SER C 112 -6.57 10.97 5.91
N LEU C 113 -6.49 9.98 6.79
CA LEU C 113 -6.50 8.59 6.38
C LEU C 113 -7.79 8.26 5.64
N SER C 114 -8.93 8.64 6.21
CA SER C 114 -10.20 8.36 5.56
C SER C 114 -10.36 9.17 4.28
N VAL C 115 -9.79 10.38 4.23
CA VAL C 115 -9.85 11.18 3.01
C VAL C 115 -9.03 10.52 1.91
N GLU C 116 -7.92 9.90 2.29
CA GLU C 116 -7.13 9.15 1.33
C GLU C 116 -7.87 7.91 0.85
N ARG C 117 -8.57 7.23 1.77
CA ARG C 117 -9.40 6.08 1.40
C ARG C 117 -10.47 6.48 0.41
N TYR C 118 -11.05 7.66 0.59
CA TYR C 118 -11.98 8.20 -0.39
C TYR C 118 -11.31 8.48 -1.72
N LEU C 119 -10.20 9.23 -1.68
CA LEU C 119 -9.54 9.71 -2.89
C LEU C 119 -8.97 8.60 -3.73
N ALA C 120 -8.68 7.44 -3.12
CA ALA C 120 -8.26 6.29 -3.89
C ALA C 120 -9.36 5.80 -4.82
N ILE C 121 -10.56 5.61 -4.29
CA ILE C 121 -11.63 5.05 -5.11
C ILE C 121 -12.23 6.11 -6.03
N CYS C 122 -12.52 7.30 -5.49
CA CYS C 122 -13.31 8.28 -6.22
C CYS C 122 -12.55 8.87 -7.39
N HIS C 123 -11.28 9.20 -7.19
CA HIS C 123 -10.41 9.68 -8.26
C HIS C 123 -9.21 8.74 -8.35
N PRO C 124 -9.30 7.66 -9.13
CA PRO C 124 -8.14 6.76 -9.29
C PRO C 124 -6.98 7.37 -10.06
N PHE C 125 -7.14 8.55 -10.63
CA PHE C 125 -6.07 9.27 -11.33
C PHE C 125 -5.36 10.27 -10.44
N LYS C 126 -6.08 10.91 -9.53
CA LYS C 126 -5.54 12.11 -8.89
C LYS C 126 -4.54 11.79 -7.79
N ALA C 127 -4.59 10.58 -7.24
CA ALA C 127 -3.55 10.19 -6.28
C ALA C 127 -2.22 9.98 -6.99
N LYS C 128 -2.24 9.31 -8.14
CA LYS C 128 -1.03 9.21 -8.95
C LYS C 128 -0.65 10.54 -9.58
N THR C 129 -1.60 11.48 -9.65
CA THR C 129 -1.27 12.83 -10.07
C THR C 129 -0.67 13.66 -8.95
N LEU C 130 -0.95 13.33 -7.69
CA LEU C 130 -0.40 14.09 -6.58
C LEU C 130 0.46 13.24 -5.65
N MET C 131 -0.07 12.14 -5.13
CA MET C 131 0.47 11.50 -3.93
C MET C 131 1.72 10.71 -4.28
N SER C 132 2.85 11.42 -4.32
CA SER C 132 4.15 10.79 -4.33
C SER C 132 4.59 10.61 -2.90
N ARG C 133 5.83 10.14 -2.74
CA ARG C 133 6.41 9.98 -1.42
C ARG C 133 6.60 11.39 -0.86
N SER C 134 7.02 12.32 -1.71
CA SER C 134 7.21 13.70 -1.30
C SER C 134 5.88 14.30 -0.87
N ARG C 135 4.81 14.03 -1.63
CA ARG C 135 3.50 14.57 -1.30
C ARG C 135 2.98 13.99 0.01
N THR C 136 3.18 12.68 0.22
CA THR C 136 2.75 12.05 1.46
C THR C 136 3.56 12.54 2.65
N LYS C 137 4.87 12.71 2.47
CA LYS C 137 5.72 13.16 3.56
C LYS C 137 5.38 14.59 3.96
N LYS C 138 5.25 15.47 2.97
CA LYS C 138 4.83 16.84 3.23
C LYS C 138 3.42 16.89 3.80
N PHE C 139 2.56 15.96 3.38
CA PHE C 139 1.18 15.95 3.82
C PHE C 139 1.07 15.57 5.29
N ILE C 140 1.77 14.52 5.70
CA ILE C 140 1.63 14.08 7.08
C ILE C 140 2.45 14.98 8.00
N SER C 141 3.53 15.57 7.49
CA SER C 141 4.20 16.58 8.28
C SER C 141 3.34 17.83 8.43
N ALA C 142 2.52 18.12 7.43
CA ALA C 142 1.58 19.23 7.54
C ALA C 142 0.51 18.94 8.58
N ILE C 143 -0.03 17.72 8.56
CA ILE C 143 -1.05 17.32 9.55
C ILE C 143 -0.46 17.32 10.95
N TRP C 144 0.79 16.87 11.07
CA TRP C 144 1.42 16.80 12.38
C TRP C 144 1.74 18.19 12.89
N LEU C 145 2.21 19.08 12.03
CA LEU C 145 2.52 20.44 12.46
C LEU C 145 1.26 21.22 12.77
N ALA C 146 0.15 20.92 12.08
CA ALA C 146 -1.11 21.53 12.45
C ALA C 146 -1.57 21.04 13.82
N SER C 147 -1.35 19.75 14.09
CA SER C 147 -1.69 19.21 15.40
C SER C 147 -0.80 19.77 16.49
N ALA C 148 0.42 20.14 16.14
CA ALA C 148 1.27 20.81 17.11
C ALA C 148 0.80 22.24 17.35
N LEU C 149 0.44 22.94 16.27
CA LEU C 149 0.16 24.37 16.38
C LEU C 149 -1.19 24.63 17.03
N LEU C 150 -2.18 23.77 16.80
CA LEU C 150 -3.48 23.97 17.43
C LEU C 150 -3.43 23.75 18.93
N ALA C 151 -2.45 22.99 19.41
CA ALA C 151 -2.34 22.69 20.82
C ALA C 151 -1.77 23.84 21.63
N VAL C 152 -1.28 24.89 20.99
CA VAL C 152 -0.55 25.96 21.64
C VAL C 152 -1.46 26.72 22.58
N PRO C 153 -2.76 26.76 22.31
CA PRO C 153 -3.65 27.56 23.15
C PRO C 153 -3.82 26.97 24.53
N MET C 154 -3.77 25.65 24.66
CA MET C 154 -3.89 25.03 25.98
C MET C 154 -2.69 25.34 26.85
N LEU C 155 -1.52 25.49 26.24
CA LEU C 155 -0.34 25.89 26.99
C LEU C 155 -0.47 27.31 27.50
N PHE C 156 -1.22 28.14 26.79
CA PHE C 156 -1.49 29.50 27.21
C PHE C 156 -2.72 29.60 28.11
N THR C 157 -3.42 28.50 28.36
CA THR C 157 -4.66 28.57 29.12
C THR C 157 -4.68 27.69 30.36
N MET C 158 -4.16 26.47 30.27
CA MET C 158 -4.26 25.52 31.37
C MET C 158 -3.22 25.87 32.41
N GLY C 159 -3.61 26.69 33.38
CA GLY C 159 -2.66 27.17 34.36
C GLY C 159 -2.36 26.21 35.48
N GLU C 160 -2.19 26.76 36.68
CA GLU C 160 -2.02 26.02 37.92
C GLU C 160 -2.35 26.98 39.04
N GLN C 161 -2.77 26.44 40.17
CA GLN C 161 -3.15 27.31 41.27
C GLN C 161 -3.06 26.55 42.57
N ASN C 162 -2.55 27.22 43.61
CA ASN C 162 -2.69 26.75 44.97
C ASN C 162 -4.05 27.21 45.49
N ARG C 163 -5.10 26.57 44.95
CA ARG C 163 -6.46 27.04 45.09
C ARG C 163 -7.12 26.55 46.36
N SER C 164 -6.35 26.29 47.40
CA SER C 164 -6.84 25.78 48.67
C SER C 164 -7.55 26.88 49.46
N ALA C 165 -7.92 26.56 50.70
CA ALA C 165 -8.58 27.52 51.58
C ALA C 165 -7.68 28.69 51.92
N ASP C 166 -6.38 28.44 52.02
CA ASP C 166 -5.38 29.48 52.00
C ASP C 166 -4.55 29.33 50.73
N GLY C 167 -3.53 30.15 50.59
CA GLY C 167 -2.59 29.93 49.51
C GLY C 167 -1.69 28.78 49.86
N GLN C 168 -0.89 28.97 50.90
CA GLN C 168 -0.05 27.91 51.43
C GLN C 168 -0.91 26.89 52.15
N HIS C 169 -0.85 25.64 51.71
CA HIS C 169 -1.56 24.57 52.38
C HIS C 169 -0.76 23.29 52.22
N ALA C 170 -1.41 22.15 52.48
CA ALA C 170 -0.73 20.86 52.40
C ALA C 170 -0.39 20.51 50.96
N GLY C 171 -1.40 20.42 50.11
CA GLY C 171 -1.17 20.10 48.72
C GLY C 171 -2.03 20.92 47.78
N GLY C 172 -2.34 22.15 48.20
CA GLY C 172 -3.34 22.99 47.54
C GLY C 172 -3.05 23.35 46.11
N LEU C 173 -1.81 23.17 45.65
CA LEU C 173 -1.50 23.29 44.23
C LEU C 173 -2.23 22.20 43.45
N VAL C 174 -3.01 22.62 42.46
CA VAL C 174 -3.84 21.72 41.67
C VAL C 174 -3.95 22.28 40.27
N CYS C 175 -3.57 21.48 39.28
CA CYS C 175 -3.40 22.00 37.92
C CYS C 175 -4.77 22.09 37.23
N THR C 176 -5.47 23.14 37.54
CA THR C 176 -6.67 23.63 36.91
C THR C 176 -6.34 24.74 35.95
N PRO C 177 -7.13 24.95 34.90
CA PRO C 177 -6.90 26.10 34.02
C PRO C 177 -7.13 27.41 34.76
N THR C 178 -6.27 28.39 34.48
CA THR C 178 -6.23 29.64 35.24
C THR C 178 -6.74 30.84 34.46
N ILE C 179 -7.20 30.65 33.22
CA ILE C 179 -7.71 31.75 32.41
C ILE C 179 -9.11 32.13 32.87
N HIS C 180 -9.63 33.23 32.33
CA HIS C 180 -10.99 33.66 32.61
C HIS C 180 -12.00 32.65 32.06
N THR C 181 -13.21 32.70 32.60
CA THR C 181 -14.21 31.69 32.29
C THR C 181 -14.69 31.81 30.84
N ALA C 182 -14.79 33.03 30.34
CA ALA C 182 -15.10 33.22 28.92
C ALA C 182 -13.96 32.71 28.06
N THR C 183 -12.73 32.89 28.53
CA THR C 183 -11.57 32.43 27.79
C THR C 183 -11.52 30.91 27.73
N VAL C 184 -11.80 30.24 28.85
CA VAL C 184 -11.73 28.79 28.80
C VAL C 184 -12.94 28.22 28.08
N LYS C 185 -14.07 28.94 28.09
CA LYS C 185 -15.21 28.50 27.28
C LYS C 185 -14.88 28.60 25.81
N VAL C 186 -14.18 29.67 25.43
CA VAL C 186 -13.79 29.86 24.04
C VAL C 186 -12.81 28.79 23.62
N VAL C 187 -11.79 28.54 24.45
CA VAL C 187 -10.76 27.62 24.00
C VAL C 187 -11.24 26.18 24.07
N ILE C 188 -12.18 25.88 24.97
CA ILE C 188 -12.69 24.51 25.04
C ILE C 188 -13.65 24.25 23.90
N GLN C 189 -14.45 25.26 23.53
CA GLN C 189 -15.30 25.11 22.36
C GLN C 189 -14.47 25.03 21.10
N VAL C 190 -13.37 25.77 21.06
CA VAL C 190 -12.48 25.74 19.92
C VAL C 190 -11.82 24.39 19.79
N ASN C 191 -11.28 23.87 20.90
CA ASN C 191 -10.65 22.56 20.92
C ASN C 191 -11.63 21.47 20.56
N THR C 192 -12.87 21.56 21.06
CA THR C 192 -13.86 20.53 20.82
C THR C 192 -14.29 20.50 19.37
N PHE C 193 -14.67 21.65 18.82
CA PHE C 193 -15.09 21.71 17.44
C PHE C 193 -13.94 21.35 16.51
N MET C 194 -12.77 21.93 16.77
CA MET C 194 -11.64 21.74 15.88
C MET C 194 -11.06 20.34 15.98
N SER C 195 -11.31 19.66 17.09
CA SER C 195 -10.74 18.33 17.25
C SER C 195 -11.71 17.27 16.78
N PHE C 196 -13.00 17.56 16.80
CA PHE C 196 -13.95 16.51 16.57
C PHE C 196 -15.00 16.78 15.53
N ILE C 197 -15.53 18.01 15.45
CA ILE C 197 -16.75 18.26 14.71
C ILE C 197 -16.52 18.07 13.22
N PHE C 198 -15.63 18.85 12.65
CA PHE C 198 -15.30 18.57 11.25
C PHE C 198 -14.50 17.28 11.04
N PRO C 199 -13.73 16.73 12.00
CA PRO C 199 -13.37 15.32 11.85
C PRO C 199 -14.56 14.39 11.82
N MET C 200 -15.60 14.66 12.60
CA MET C 200 -16.79 13.81 12.55
C MET C 200 -17.48 13.92 11.21
N VAL C 201 -17.60 15.15 10.69
CA VAL C 201 -18.23 15.36 9.39
C VAL C 201 -17.42 14.72 8.29
N VAL C 202 -16.09 14.91 8.33
CA VAL C 202 -15.22 14.44 7.26
C VAL C 202 -15.18 12.92 7.25
N ILE C 203 -14.94 12.32 8.42
CA ILE C 203 -14.89 10.87 8.53
C ILE C 203 -16.24 10.26 8.19
N SER C 204 -17.32 10.85 8.71
CA SER C 204 -18.64 10.28 8.54
C SER C 204 -19.10 10.37 7.10
N VAL C 205 -19.02 11.55 6.50
CA VAL C 205 -19.51 11.74 5.14
C VAL C 205 -18.65 10.99 4.14
N LEU C 206 -17.32 11.04 4.31
CA LEU C 206 -16.43 10.38 3.36
C LEU C 206 -16.55 8.88 3.45
N ASN C 207 -16.61 8.33 4.66
CA ASN C 207 -16.75 6.90 4.75
C ASN C 207 -18.18 6.46 4.43
N THR C 208 -19.16 7.35 4.59
CA THR C 208 -20.52 7.04 4.16
C THR C 208 -20.60 6.95 2.65
N ILE C 209 -19.93 7.86 1.95
CA ILE C 209 -19.90 7.80 0.50
C ILE C 209 -19.13 6.58 0.03
N ILE C 210 -18.08 6.21 0.76
CA ILE C 210 -17.31 5.02 0.41
C ILE C 210 -18.14 3.77 0.61
N ALA C 211 -18.91 3.72 1.69
CA ALA C 211 -19.78 2.60 1.95
C ALA C 211 -20.90 2.54 0.91
N ASN C 212 -21.37 3.70 0.48
CA ASN C 212 -22.44 3.75 -0.51
C ASN C 212 -21.95 3.26 -1.86
N LYS C 213 -20.75 3.67 -2.26
CA LYS C 213 -20.20 3.22 -3.53
C LYS C 213 -19.87 1.73 -3.49
N LEU C 214 -19.37 1.25 -2.34
CA LEU C 214 -19.10 -0.17 -2.20
C LEU C 214 -20.39 -0.98 -2.23
N THR C 215 -21.45 -0.46 -1.60
CA THR C 215 -22.73 -1.14 -1.64
C THR C 215 -23.34 -1.10 -3.03
N VAL C 216 -23.10 -0.02 -3.77
CA VAL C 216 -23.63 0.08 -5.12
C VAL C 216 -22.93 -0.90 -6.04
N MET C 217 -21.62 -1.08 -5.85
CA MET C 217 -20.92 -2.10 -6.62
C MET C 217 -21.37 -3.50 -6.20
N VAL C 218 -21.67 -3.68 -4.91
CA VAL C 218 -22.16 -4.96 -4.42
C VAL C 218 -23.52 -5.28 -5.03
N ARG C 219 -24.36 -4.27 -5.17
CA ARG C 219 -25.67 -4.48 -5.76
C ARG C 219 -25.57 -4.70 -7.26
N GLN C 220 -24.64 -4.01 -7.92
CA GLN C 220 -24.52 -4.12 -9.37
C GLN C 220 -23.94 -5.47 -9.78
N ALA C 221 -23.00 -6.01 -9.01
CA ALA C 221 -22.47 -7.34 -9.28
C ALA C 221 -23.05 -8.39 -8.35
N ALA C 222 -24.18 -8.08 -7.70
CA ALA C 222 -24.84 -9.04 -6.83
C ALA C 222 -25.34 -10.24 -7.60
N GLU C 223 -26.01 -10.00 -8.73
CA GLU C 223 -26.43 -11.06 -9.63
C GLU C 223 -25.52 -11.18 -10.85
N GLN C 224 -24.35 -10.53 -10.80
CA GLN C 224 -23.34 -10.49 -11.88
C GLN C 224 -23.91 -10.04 -13.23
N PHE C 237 -12.71 0.04 -14.52
CA PHE C 237 -13.61 -0.56 -15.49
C PHE C 237 -14.51 -1.61 -14.83
N SER C 238 -14.24 -2.89 -15.11
CA SER C 238 -15.14 -3.95 -14.66
C SER C 238 -15.07 -4.16 -13.15
N MET C 239 -13.86 -4.35 -12.61
CA MET C 239 -13.56 -4.32 -11.17
C MET C 239 -14.32 -5.35 -10.35
N ALA C 240 -14.15 -6.63 -10.64
CA ALA C 240 -14.90 -7.67 -9.96
C ALA C 240 -13.96 -8.59 -9.18
N ILE C 241 -14.29 -8.79 -7.91
CA ILE C 241 -13.65 -9.78 -7.05
C ILE C 241 -14.68 -10.84 -6.70
N GLU C 242 -14.73 -11.89 -7.50
CA GLU C 242 -15.87 -12.81 -7.44
C GLU C 242 -15.97 -13.66 -6.17
N PRO C 243 -14.89 -14.26 -5.59
CA PRO C 243 -15.10 -14.98 -4.33
C PRO C 243 -15.29 -14.05 -3.15
N GLY C 244 -14.78 -12.84 -3.26
CA GLY C 244 -14.87 -11.89 -2.16
C GLY C 244 -15.96 -10.87 -2.39
N ARG C 245 -16.77 -11.08 -3.41
CA ARG C 245 -17.94 -10.24 -3.64
C ARG C 245 -18.91 -10.33 -2.48
N VAL C 246 -19.05 -11.52 -1.91
CA VAL C 246 -19.70 -11.63 -0.61
C VAL C 246 -18.71 -11.35 0.49
N GLN C 247 -17.59 -12.08 0.50
CA GLN C 247 -16.71 -12.12 1.67
C GLN C 247 -15.94 -10.83 1.86
N ALA C 248 -15.13 -10.44 0.88
CA ALA C 248 -14.25 -9.30 1.04
C ALA C 248 -15.02 -8.00 1.10
N LEU C 249 -16.01 -7.83 0.23
CA LEU C 249 -16.80 -6.60 0.25
C LEU C 249 -17.68 -6.54 1.49
N ARG C 250 -18.11 -7.70 1.99
CA ARG C 250 -18.84 -7.74 3.25
C ARG C 250 -17.97 -7.26 4.41
N HIS C 251 -16.74 -7.78 4.47
CA HIS C 251 -15.75 -7.30 5.43
C HIS C 251 -15.48 -5.82 5.26
N GLY C 252 -15.46 -5.33 4.02
CA GLY C 252 -15.17 -3.95 3.75
C GLY C 252 -16.23 -2.99 4.25
N VAL C 253 -17.49 -3.32 3.96
CA VAL C 253 -18.60 -2.50 4.45
C VAL C 253 -18.67 -2.56 5.96
N ARG C 254 -18.42 -3.75 6.53
CA ARG C 254 -18.42 -3.92 7.97
C ARG C 254 -17.34 -3.05 8.63
N VAL C 255 -16.12 -3.05 8.07
CA VAL C 255 -15.06 -2.32 8.75
C VAL C 255 -15.15 -0.83 8.50
N LEU C 256 -15.74 -0.41 7.38
CA LEU C 256 -15.91 1.02 7.16
C LEU C 256 -16.91 1.59 8.16
N ARG C 257 -18.09 0.96 8.25
CA ARG C 257 -19.06 1.37 9.25
C ARG C 257 -18.54 1.16 10.66
N ALA C 258 -17.68 0.16 10.83
CA ALA C 258 -17.13 -0.13 12.15
C ALA C 258 -16.17 0.94 12.59
N VAL C 259 -15.35 1.43 11.65
CA VAL C 259 -14.39 2.48 11.98
C VAL C 259 -15.12 3.75 12.37
N VAL C 260 -16.19 4.09 11.65
CA VAL C 260 -16.85 5.34 12.02
C VAL C 260 -17.66 5.19 13.31
N ILE C 261 -18.25 4.03 13.57
CA ILE C 261 -19.00 3.91 14.82
C ILE C 261 -18.04 3.81 15.99
N ALA C 262 -16.89 3.19 15.77
CA ALA C 262 -15.85 3.10 16.78
C ALA C 262 -15.39 4.49 17.15
N PHE C 263 -15.15 5.31 16.15
CA PHE C 263 -14.66 6.66 16.38
C PHE C 263 -15.70 7.52 17.08
N VAL C 264 -16.96 7.40 16.67
CA VAL C 264 -17.99 8.26 17.26
C VAL C 264 -18.24 7.87 18.71
N VAL C 265 -18.41 6.55 18.94
CA VAL C 265 -18.67 6.02 20.27
C VAL C 265 -17.51 6.27 21.19
N CYS C 266 -16.30 6.34 20.64
CA CYS C 266 -15.16 6.45 21.53
C CYS C 266 -14.79 7.89 21.84
N TRP C 267 -15.04 8.83 20.95
CA TRP C 267 -14.61 10.17 21.31
C TRP C 267 -15.72 11.13 21.68
N LEU C 268 -16.99 10.86 21.35
CA LEU C 268 -18.07 11.72 21.82
C LEU C 268 -18.09 11.96 23.34
N PRO C 269 -17.94 10.94 24.22
CA PRO C 269 -18.08 11.25 25.64
C PRO C 269 -16.95 12.08 26.22
N TYR C 270 -15.75 12.02 25.65
CA TYR C 270 -14.60 12.63 26.30
C TYR C 270 -14.68 14.14 26.30
N HIS C 271 -14.63 14.74 25.12
CA HIS C 271 -14.78 16.18 25.14
C HIS C 271 -16.23 16.57 25.28
N VAL C 272 -17.17 15.61 25.23
CA VAL C 272 -18.50 15.88 25.75
C VAL C 272 -18.41 16.22 27.24
N ARG C 273 -17.56 15.51 27.97
CA ARG C 273 -17.34 15.84 29.37
C ARG C 273 -16.60 17.16 29.51
N ARG C 274 -15.70 17.44 28.56
CA ARG C 274 -15.05 18.75 28.59
C ARG C 274 -16.05 19.87 28.46
N LEU C 275 -16.99 19.73 27.53
CA LEU C 275 -18.03 20.72 27.35
C LEU C 275 -18.98 20.74 28.54
N MET C 276 -19.12 19.60 29.22
CA MET C 276 -19.89 19.57 30.45
C MET C 276 -19.23 20.40 31.52
N PHE C 277 -17.90 20.38 31.56
CA PHE C 277 -17.18 21.28 32.45
C PHE C 277 -17.30 22.71 31.99
N CYS C 278 -17.43 22.91 30.69
CA CYS C 278 -17.42 24.25 30.13
C CYS C 278 -18.73 24.98 30.40
N TYR C 279 -19.82 24.44 29.86
CA TYR C 279 -21.13 25.03 30.03
C TYR C 279 -21.72 24.62 31.37
N ILE C 280 -20.93 24.80 32.43
CA ILE C 280 -21.37 24.44 33.78
C ILE C 280 -21.40 25.67 34.68
N SER C 281 -22.50 25.84 35.40
CA SER C 281 -22.67 26.96 36.31
C SER C 281 -22.75 26.44 37.74
N ASP C 282 -22.01 27.06 38.65
CA ASP C 282 -21.99 26.62 40.03
C ASP C 282 -23.38 26.75 40.65
N GLU C 283 -24.07 27.84 40.37
CA GLU C 283 -25.42 28.03 40.88
C GLU C 283 -26.34 26.97 40.26
N GLN C 284 -26.17 26.73 38.97
CA GLN C 284 -26.97 25.78 38.22
C GLN C 284 -26.83 24.30 38.63
N TRP C 285 -25.61 23.88 38.93
CA TRP C 285 -25.37 22.48 39.28
C TRP C 285 -25.04 22.20 40.74
N THR C 286 -25.71 21.19 41.30
CA THR C 286 -25.50 20.79 42.69
C THR C 286 -24.31 19.84 42.84
N PRO C 287 -24.09 19.32 44.05
CA PRO C 287 -22.93 18.45 44.20
C PRO C 287 -23.17 17.02 43.73
N PHE C 288 -24.43 16.64 43.52
CA PHE C 288 -24.73 15.28 43.08
C PHE C 288 -24.09 15.01 41.72
N LEU C 289 -24.19 15.99 40.83
CA LEU C 289 -23.60 15.87 39.50
C LEU C 289 -22.08 15.77 39.60
N TYR C 290 -21.51 16.56 40.50
CA TYR C 290 -20.07 16.61 40.71
C TYR C 290 -19.47 15.23 40.89
N ASP C 291 -20.03 14.43 41.80
CA ASP C 291 -19.50 13.09 42.01
C ASP C 291 -19.67 12.23 40.77
N PHE C 292 -20.82 12.39 40.09
CA PHE C 292 -21.05 11.72 38.82
C PHE C 292 -20.08 12.20 37.76
N TYR C 293 -19.62 13.44 37.88
CA TYR C 293 -18.66 13.97 36.92
C TYR C 293 -17.30 13.35 37.12
N HIS C 294 -16.88 13.19 38.37
CA HIS C 294 -15.60 12.54 38.60
C HIS C 294 -15.64 11.08 38.14
N TYR C 295 -16.74 10.38 38.42
CA TYR C 295 -16.90 9.02 37.92
C TYR C 295 -17.00 9.00 36.40
N PHE C 296 -17.61 10.03 35.85
CA PHE C 296 -17.75 10.12 34.42
C PHE C 296 -16.42 10.42 33.78
N TYR C 297 -15.56 11.11 34.50
CA TYR C 297 -14.20 11.32 34.04
C TYR C 297 -13.44 10.01 33.97
N MET C 298 -13.62 9.17 34.98
CA MET C 298 -13.01 7.85 34.98
C MET C 298 -13.45 7.06 33.75
N VAL C 299 -14.77 7.00 33.52
CA VAL C 299 -15.28 6.25 32.38
C VAL C 299 -14.87 6.90 31.06
N THR C 300 -14.79 8.22 31.03
CA THR C 300 -14.54 8.93 29.78
C THR C 300 -13.10 8.75 29.33
N ASN C 301 -12.15 9.00 30.22
CA ASN C 301 -10.76 8.80 29.86
C ASN C 301 -10.45 7.33 29.62
N ALA C 302 -11.20 6.43 30.28
CA ALA C 302 -11.09 5.01 29.95
C ALA C 302 -11.46 4.74 28.50
N LEU C 303 -12.60 5.27 28.06
CA LEU C 303 -13.04 5.02 26.69
C LEU C 303 -12.13 5.74 25.69
N PHE C 304 -11.53 6.84 26.09
CA PHE C 304 -10.60 7.49 25.19
C PHE C 304 -9.30 6.70 25.05
N TYR C 305 -8.88 6.01 26.09
CA TYR C 305 -7.69 5.22 25.87
C TYR C 305 -7.98 3.95 25.10
N VAL C 306 -9.19 3.40 25.25
CA VAL C 306 -9.49 2.24 24.41
C VAL C 306 -9.70 2.67 22.97
N SER C 307 -10.05 3.94 22.76
CA SER C 307 -9.95 4.52 21.44
C SER C 307 -8.53 4.50 20.94
N SER C 308 -7.59 4.87 21.81
CA SER C 308 -6.19 4.88 21.42
C SER C 308 -5.66 3.49 21.11
N THR C 309 -6.29 2.45 21.63
CA THR C 309 -5.84 1.09 21.35
C THR C 309 -6.66 0.36 20.30
N ILE C 310 -7.83 0.86 19.92
CA ILE C 310 -8.74 0.07 19.10
C ILE C 310 -8.34 0.09 17.63
N ASN C 311 -8.15 1.29 17.08
CA ASN C 311 -7.74 1.57 15.71
C ASN C 311 -6.62 0.73 15.10
N PRO C 312 -5.57 0.30 15.83
CA PRO C 312 -4.57 -0.55 15.18
C PRO C 312 -5.09 -1.91 14.74
N ILE C 313 -5.91 -2.58 15.54
CA ILE C 313 -6.35 -3.89 15.08
C ILE C 313 -7.38 -3.76 13.96
N LEU C 314 -8.15 -2.68 13.95
CA LEU C 314 -9.07 -2.48 12.85
C LEU C 314 -8.39 -2.01 11.58
N TYR C 315 -7.15 -1.50 11.65
CA TYR C 315 -6.46 -1.12 10.43
C TYR C 315 -5.32 -2.03 10.04
N ASN C 316 -4.96 -3.01 10.87
CA ASN C 316 -4.04 -4.05 10.44
C ASN C 316 -4.65 -5.43 10.55
N LEU C 317 -5.24 -5.76 11.69
CA LEU C 317 -5.84 -7.07 11.89
C LEU C 317 -7.11 -7.29 11.08
N VAL C 318 -7.67 -6.23 10.48
CA VAL C 318 -8.78 -6.42 9.54
C VAL C 318 -8.28 -7.17 8.31
N SER C 319 -7.14 -6.75 7.79
CA SER C 319 -6.49 -7.56 6.78
C SER C 319 -5.92 -8.82 7.43
N ALA C 320 -5.81 -9.86 6.62
CA ALA C 320 -5.08 -11.04 7.05
C ALA C 320 -3.62 -10.99 6.64
N ASN C 321 -3.29 -10.20 5.61
CA ASN C 321 -1.92 -10.09 5.15
C ASN C 321 -1.06 -9.37 6.18
N PHE C 322 -1.56 -8.24 6.69
CA PHE C 322 -0.91 -7.64 7.84
C PHE C 322 -1.04 -8.53 9.06
N ARG C 323 -2.10 -9.31 9.16
CA ARG C 323 -2.17 -10.29 10.24
C ARG C 323 -1.19 -11.42 10.00
N HIS C 324 -0.89 -11.73 8.74
CA HIS C 324 0.15 -12.71 8.43
C HIS C 324 1.52 -12.25 8.90
N ILE C 325 1.93 -11.04 8.47
CA ILE C 325 3.23 -10.52 8.88
C ILE C 325 3.24 -10.22 10.37
N PHE C 326 2.08 -9.91 10.94
CA PHE C 326 2.00 -9.59 12.36
C PHE C 326 2.13 -10.83 13.21
N LEU C 327 1.58 -11.94 12.73
CA LEU C 327 1.82 -13.21 13.40
C LEU C 327 3.28 -13.60 13.27
N ALA C 328 3.88 -13.29 12.12
CA ALA C 328 5.29 -13.60 11.90
C ALA C 328 6.20 -12.78 12.81
N THR C 329 5.79 -11.56 13.16
CA THR C 329 6.65 -10.72 13.98
C THR C 329 6.33 -10.81 15.47
N LEU C 330 5.06 -10.97 15.83
CA LEU C 330 4.69 -11.24 17.21
C LEU C 330 5.15 -12.62 17.66
N ALA C 331 5.33 -13.54 16.72
CA ALA C 331 6.01 -14.78 17.05
C ALA C 331 7.52 -14.62 17.09
N CYS C 332 8.06 -13.59 16.43
CA CYS C 332 9.51 -13.45 16.30
C CYS C 332 10.15 -13.04 17.62
N LEU C 333 9.65 -11.95 18.22
CA LEU C 333 10.17 -11.56 19.53
C LEU C 333 9.73 -12.54 20.62
N CYS C 334 8.58 -13.18 20.45
CA CYS C 334 8.10 -14.14 21.43
C CYS C 334 7.25 -15.22 20.77
N UNK D 1 -8.92 -29.36 -15.49
CA UNK D 1 -9.02 -30.49 -16.40
C UNK D 1 -8.50 -30.13 -17.78
N UNK D 2 -7.19 -30.28 -17.99
CA UNK D 2 -6.57 -29.94 -19.25
C UNK D 2 -5.35 -30.81 -19.48
N UNK D 3 -4.95 -30.89 -20.75
CA UNK D 3 -3.76 -31.62 -21.16
C UNK D 3 -3.09 -30.86 -22.28
N UNK D 4 -1.88 -31.31 -22.65
CA UNK D 4 -1.14 -30.66 -23.72
C UNK D 4 -0.27 -31.72 -24.39
N UNK D 5 -0.77 -32.30 -25.47
CA UNK D 5 -0.01 -33.28 -26.23
C UNK D 5 0.74 -32.54 -27.33
N UNK D 6 1.92 -32.03 -27.00
CA UNK D 6 2.72 -31.29 -27.97
C UNK D 6 3.30 -32.21 -29.02
N UNK D 7 2.61 -32.35 -30.16
CA UNK D 7 3.12 -33.21 -31.22
C UNK D 7 4.35 -32.62 -31.87
N UNK D 8 4.37 -31.30 -32.05
CA UNK D 8 5.54 -30.49 -32.41
C UNK D 8 6.21 -30.91 -33.71
N UNK D 9 5.47 -31.54 -34.62
CA UNK D 9 6.05 -32.05 -35.85
C UNK D 9 5.64 -31.21 -37.05
C1 PIO E . 13.55 5.28 3.67
O1 PIO E . 12.72 4.84 4.74
P1 PIO E . 11.74 5.84 5.55
C2 PIO E . 12.75 5.87 2.52
O2 PIO E . 12.03 4.83 1.85
C3 PIO E . 13.73 6.52 1.57
O3 PIO E . 13.03 7.22 0.54
C4 PIO E . 14.65 5.47 0.95
O4 PIO E . 15.65 6.12 0.18
P4 PIO E . 15.90 5.75 -1.37
C5 PIO E . 15.33 4.58 2.00
O5 PIO E . 15.88 3.46 1.32
P5 PIO E . 16.92 2.45 2.04
C6 PIO E . 14.37 4.12 3.11
O6 PIO E . 15.11 3.51 4.17
O11 PIO E . 11.28 6.96 4.64
O12 PIO E . 10.71 4.98 6.25
O13 PIO E . 12.68 6.49 6.70
C1A PIO E . 10.29 5.00 9.13
O1A PIO E . 9.49 5.89 8.87
C1B PIO E . 11.37 7.92 12.33
O1B PIO E . 12.10 8.44 13.15
C1C PIO E . 12.05 7.30 7.70
C2A PIO E . 9.80 3.68 9.69
C2B PIO E . 10.25 7.01 12.79
C2C PIO E . 12.01 6.64 9.07
O2C PIO E . 11.71 5.25 8.95
C3A PIO E . 10.87 3.02 10.55
C3B PIO E . 9.47 7.68 13.91
C3C PIO E . 10.97 7.33 9.95
O3C PIO E . 11.59 8.17 10.92
O41 PIO E . 14.81 6.49 -2.09
O42 PIO E . 15.77 4.24 -1.42
O43 PIO E . 17.30 6.28 -1.65
C4A PIO E . 10.33 1.74 11.18
C4B PIO E . 10.39 8.49 14.81
O51 PIO E . 17.69 1.85 0.88
O52 PIO E . 17.75 3.33 2.93
O53 PIO E . 16.04 1.46 2.77
C5A PIO E . 11.39 1.04 12.02
#